data_7ZCY
#
_entry.id   7ZCY
#
_cell.length_a   131.612
_cell.length_b   131.612
_cell.length_c   189.003
_cell.angle_alpha   90.00
_cell.angle_beta   90.00
_cell.angle_gamma   120.00
#
_symmetry.space_group_name_H-M   'P 63 2 2'
#
loop_
_entity.id
_entity.type
_entity.pdbx_description
1 polymer 'Urease subunit gamma'
2 polymer 'Urease subunit beta'
3 polymer 'Urease subunit alpha'
4 non-polymer 1,2-ETHANEDIOL
5 non-polymer 'SULFATE ION'
6 non-polymer 'NICKEL (II) ION'
7 non-polymer 'HYDROXIDE ION'
8 non-polymer N-(2-chloranyl-4-fluoranyl-phenyl)-2-selanyl-benzamide
9 non-polymer 'SELENIUM ATOM'
10 water water
#
loop_
_entity_poly.entity_id
_entity_poly.type
_entity_poly.pdbx_seq_one_letter_code
_entity_poly.pdbx_strand_id
1 'polypeptide(L)'
;(CXM)HLNPAEKEKLQIFLASELALKRKARGLKLNYPEAVAIITSFIMEGARDGKTVAMLMEEGKHVLTRDDVMEGVPEM
IDDIQAEATFPDGTKLVTVHNPIS
;
A
2 'polypeptide(L)'
;NYIVPGEYRVAEGEIEINAGREKTTIRVSNTGDRPIQVGSHIHFVEVNKELLFDRAEGIGRRLNIPSGTAARFEPGEEME
VELTELGGNREVFGISDLTNGSVDNKELILQRAKELGYKGVE
;
B
3 'polypeptide(L)'
;MKINRQQYAESYGPTVGDQVRLADTDLWIEVEKDYTTYGDEANFGGGKVLREGMGENGTYTRTENVLDLLLTNALILDYT
GIYKADIGVKDGYIVGIGKGGNPDIMDGVTPNMIVGTATEVIAAEGKIVTAGGIDTHVHFINPDQVDVALANGITTLFGG
GTGPAEGSKATTVTPGPWNIEKMLKSTEGLPINVGILGKGHGSSIAPIMEQIDAGAAGL(KCX)IHEDWGATPASIDRSL
TVADEADVQVAIHSDTLNEAGFLEDTLRAINGRVIHSFHVEGAGGGHAPDIMAMAGHPNVLPSSTNPTRPFTVNTIDEHL
DMLMVCHHLKQNIPEDVAFADSRIRPETIAAEDILHDLGIISMMSTDALAMGRAGEMVLRTWQTADKMKKQRGPLAEEKN
GSDNFRAKRYVSKYTINPAIAQGIAHEVGSIEEGKFADLVLWEPKFFGVKADRVIKGGIIAYAQIGDPSASIPTPQPVMG
RRMYGTVGDLIHDTNITFMSKSSIQQGVPAKLGLKRRIGTVKNCRNIGKKDMKWNDVTTDIDINPETYEVKVDGEVLTCE
PVKELPMAQRYFLF
;
C
#
# COMPACT_ATOMS: atom_id res chain seq x y z
N HIS A 2 27.94 24.47 -13.40
CA HIS A 2 26.86 25.14 -12.67
C HIS A 2 25.60 24.27 -12.75
N LEU A 3 25.72 22.97 -12.51
CA LEU A 3 24.51 22.12 -12.63
C LEU A 3 23.50 22.46 -11.52
N ASN A 4 22.24 22.54 -11.90
CA ASN A 4 21.14 22.79 -10.96
C ASN A 4 20.54 21.42 -10.67
N PRO A 5 19.59 21.31 -9.73
CA PRO A 5 19.06 19.98 -9.43
C PRO A 5 18.46 19.18 -10.59
N ALA A 6 17.68 19.83 -11.42
CA ALA A 6 17.04 19.19 -12.58
C ALA A 6 18.10 18.68 -13.58
N GLU A 7 19.16 19.43 -13.82
CA GLU A 7 20.19 19.02 -14.80
C GLU A 7 20.81 17.73 -14.26
N LYS A 8 21.07 17.68 -12.94
CA LYS A 8 21.67 16.46 -12.39
C LYS A 8 20.73 15.29 -12.52
N GLU A 9 19.44 15.46 -12.23
CA GLU A 9 18.51 14.33 -12.31
C GLU A 9 18.36 13.86 -13.74
N LYS A 10 18.25 14.79 -14.69
CA LYS A 10 17.90 14.45 -16.07
C LYS A 10 19.08 13.74 -16.74
N LEU A 11 20.32 13.90 -16.23
CA LEU A 11 21.43 13.07 -16.75
C LEU A 11 21.13 11.58 -16.59
N GLN A 12 20.42 11.23 -15.53
CA GLN A 12 20.11 9.82 -15.24
C GLN A 12 19.09 9.28 -16.25
N ILE A 13 18.24 10.12 -16.81
CA ILE A 13 17.32 9.66 -17.88
C ILE A 13 18.12 9.32 -19.15
N PHE A 14 19.04 10.20 -19.54
CA PHE A 14 19.93 9.94 -20.69
C PHE A 14 20.65 8.60 -20.46
N LEU A 15 21.20 8.40 -19.26
CA LEU A 15 21.95 7.15 -18.96
C LEU A 15 21.02 5.93 -19.08
N ALA A 16 19.82 6.02 -18.52
CA ALA A 16 18.87 4.88 -18.58
C ALA A 16 18.49 4.61 -20.05
N SER A 17 18.33 5.66 -20.85
CA SER A 17 18.06 5.51 -22.29
C SER A 17 19.23 4.84 -23.00
N GLU A 18 20.48 5.21 -22.67
CA GLU A 18 21.64 4.55 -23.30
C GLU A 18 21.67 3.05 -22.94
N LEU A 19 21.39 2.72 -21.70
CA LEU A 19 21.28 1.32 -21.23
C LEU A 19 20.21 0.57 -22.01
N ALA A 20 19.01 1.17 -22.08
CA ALA A 20 17.89 0.54 -22.79
C ALA A 20 18.23 0.35 -24.28
N LEU A 21 18.84 1.35 -24.91
CA LEU A 21 19.20 1.27 -26.35
C LEU A 21 20.20 0.12 -26.55
N LYS A 22 21.12 -0.13 -25.63
CA LYS A 22 22.06 -1.26 -25.78
C LYS A 22 21.31 -2.57 -25.67
N ARG A 23 20.36 -2.63 -24.76
CA ARG A 23 19.53 -3.84 -24.60
C ARG A 23 18.74 -4.08 -25.88
N LYS A 24 18.15 -3.05 -26.45
CA LYS A 24 17.36 -3.22 -27.69
C LYS A 24 18.28 -3.68 -28.82
N ALA A 25 19.48 -3.13 -28.90
CA ALA A 25 20.42 -3.43 -30.01
C ALA A 25 20.85 -4.90 -29.91
N ARG A 26 20.91 -5.51 -28.75
CA ARG A 26 21.27 -6.94 -28.70
C ARG A 26 20.04 -7.83 -28.80
N GLY A 27 18.89 -7.27 -29.13
CA GLY A 27 17.70 -8.05 -29.53
C GLY A 27 16.69 -8.25 -28.44
N LEU A 28 16.80 -7.55 -27.28
CA LEU A 28 15.80 -7.78 -26.21
C LEU A 28 14.52 -6.98 -26.50
N LYS A 29 13.35 -7.56 -26.24
N LYS A 29 13.38 -7.56 -26.15
CA LYS A 29 12.10 -6.78 -26.09
CA LYS A 29 12.10 -6.83 -26.01
C LYS A 29 12.26 -5.96 -24.81
C LYS A 29 12.17 -5.98 -24.74
N LEU A 30 11.95 -4.68 -24.87
CA LEU A 30 12.14 -3.75 -23.76
C LEU A 30 10.98 -3.83 -22.79
N ASN A 31 11.30 -3.50 -21.54
CA ASN A 31 10.35 -3.47 -20.43
C ASN A 31 9.84 -2.06 -20.19
N TYR A 32 8.99 -1.88 -19.17
CA TYR A 32 8.33 -0.60 -18.91
C TYR A 32 9.35 0.51 -18.66
N PRO A 33 10.28 0.41 -17.69
CA PRO A 33 11.14 1.56 -17.46
C PRO A 33 12.13 1.85 -18.62
N GLU A 34 12.57 0.82 -19.30
CA GLU A 34 13.44 0.94 -20.52
C GLU A 34 12.69 1.76 -21.59
N ALA A 35 11.44 1.40 -21.87
CA ALA A 35 10.67 2.09 -22.92
C ALA A 35 10.44 3.54 -22.50
N VAL A 36 10.10 3.78 -21.24
CA VAL A 36 9.84 5.17 -20.80
C VAL A 36 11.16 5.94 -20.94
N ALA A 37 12.29 5.37 -20.50
CA ALA A 37 13.58 6.09 -20.61
C ALA A 37 13.90 6.47 -22.07
N ILE A 38 13.74 5.55 -23.00
CA ILE A 38 14.08 5.82 -24.42
C ILE A 38 13.23 6.98 -24.92
N ILE A 39 11.92 6.93 -24.71
CA ILE A 39 11.03 7.98 -25.27
C ILE A 39 11.33 9.30 -24.58
N THR A 40 11.55 9.29 -23.26
CA THR A 40 11.83 10.51 -22.52
C THR A 40 13.09 11.16 -23.03
N SER A 41 14.16 10.40 -23.14
CA SER A 41 15.46 10.97 -23.62
C SER A 41 15.29 11.50 -25.06
N PHE A 42 14.55 10.79 -25.90
CA PHE A 42 14.27 11.25 -27.27
C PHE A 42 13.66 12.66 -27.21
N ILE A 43 12.68 12.88 -26.32
CA ILE A 43 12.00 14.20 -26.22
C ILE A 43 13.03 15.25 -25.82
N MET A 44 13.82 14.99 -24.78
N MET A 44 13.79 14.95 -24.75
CA MET A 44 14.73 16.03 -24.28
CA MET A 44 14.84 15.83 -24.17
C MET A 44 15.81 16.31 -25.33
C MET A 44 15.77 16.27 -25.30
N GLU A 45 16.33 15.29 -26.03
CA GLU A 45 17.32 15.53 -27.11
C GLU A 45 16.67 16.27 -28.29
N GLY A 46 15.39 16.02 -28.56
CA GLY A 46 14.67 16.78 -29.59
C GLY A 46 14.54 18.26 -29.25
N ALA A 47 14.28 18.57 -27.99
CA ALA A 47 14.21 19.97 -27.55
C ALA A 47 15.57 20.60 -27.77
N ARG A 48 16.63 19.91 -27.37
CA ARG A 48 18.01 20.41 -27.53
C ARG A 48 18.32 20.65 -29.02
N ASP A 49 17.76 19.83 -29.90
CA ASP A 49 17.92 19.99 -31.37
C ASP A 49 17.12 21.17 -31.91
N GLY A 50 16.16 21.69 -31.12
CA GLY A 50 15.41 22.87 -31.53
C GLY A 50 14.10 22.54 -32.22
N LYS A 51 13.63 21.31 -32.12
CA LYS A 51 12.29 20.94 -32.58
C LYS A 51 11.24 21.68 -31.75
N THR A 52 10.03 21.76 -32.28
CA THR A 52 8.88 22.37 -31.57
C THR A 52 8.23 21.33 -30.67
N VAL A 53 7.44 21.82 -29.70
CA VAL A 53 6.64 20.94 -28.84
C VAL A 53 5.72 20.09 -29.75
N ALA A 54 5.07 20.71 -30.74
CA ALA A 54 4.13 19.98 -31.64
C ALA A 54 4.85 18.88 -32.43
N MET A 55 6.07 19.12 -32.92
CA MET A 55 6.85 18.07 -33.61
C MET A 55 7.06 16.90 -32.67
N LEU A 56 7.38 17.16 -31.40
CA LEU A 56 7.81 16.07 -30.49
C LEU A 56 6.56 15.32 -30.02
N MET A 57 5.43 15.99 -29.92
CA MET A 57 4.16 15.31 -29.60
C MET A 57 3.87 14.27 -30.69
N GLU A 58 4.20 14.60 -31.94
CA GLU A 58 3.97 13.68 -33.08
C GLU A 58 5.07 12.60 -33.08
N GLU A 59 6.32 13.02 -33.04
CA GLU A 59 7.43 12.05 -33.18
C GLU A 59 7.43 11.03 -32.04
N GLY A 60 7.08 11.44 -30.84
CA GLY A 60 7.21 10.54 -29.67
C GLY A 60 6.27 9.35 -29.80
N LYS A 61 5.32 9.40 -30.72
CA LYS A 61 4.42 8.24 -30.95
C LYS A 61 5.03 7.21 -31.90
N HIS A 62 6.23 7.44 -32.41
CA HIS A 62 6.85 6.60 -33.45
C HIS A 62 8.26 6.17 -33.05
N VAL A 63 8.63 6.33 -31.79
CA VAL A 63 10.00 5.97 -31.33
C VAL A 63 10.09 4.46 -31.09
N LEU A 64 9.09 3.90 -30.46
CA LEU A 64 9.02 2.45 -30.18
C LEU A 64 7.64 1.99 -30.60
N THR A 65 7.57 0.79 -31.16
CA THR A 65 6.30 0.12 -31.54
C THR A 65 6.10 -1.11 -30.66
N ARG A 66 4.90 -1.68 -30.72
N ARG A 66 4.95 -1.80 -30.75
CA ARG A 66 4.52 -2.71 -29.74
CA ARG A 66 4.71 -2.95 -29.82
C ARG A 66 5.46 -3.91 -29.89
C ARG A 66 5.71 -4.10 -30.02
N ASP A 67 6.03 -4.17 -31.07
N ASP A 67 6.17 -4.31 -31.26
CA ASP A 67 6.96 -5.31 -31.29
CA ASP A 67 7.22 -5.30 -31.62
C ASP A 67 8.33 -5.06 -30.64
C ASP A 67 8.53 -4.98 -30.90
N ASP A 68 8.65 -3.82 -30.28
CA ASP A 68 9.91 -3.45 -29.59
C ASP A 68 9.84 -3.76 -28.08
N VAL A 69 8.67 -4.04 -27.54
CA VAL A 69 8.47 -4.07 -26.06
C VAL A 69 7.73 -5.34 -25.67
N MET A 70 7.83 -5.65 -24.40
CA MET A 70 7.22 -6.86 -23.83
CA MET A 70 7.22 -6.84 -23.78
C MET A 70 5.68 -6.73 -23.84
N GLU A 71 5.03 -7.86 -23.77
CA GLU A 71 3.55 -7.92 -23.66
C GLU A 71 3.08 -6.98 -22.53
N GLY A 72 2.03 -6.21 -22.79
CA GLY A 72 1.43 -5.34 -21.79
C GLY A 72 2.09 -3.99 -21.70
N VAL A 73 3.35 -3.83 -22.11
CA VAL A 73 4.04 -2.52 -21.94
C VAL A 73 3.29 -1.41 -22.67
N PRO A 74 2.79 -1.61 -23.91
CA PRO A 74 2.09 -0.53 -24.60
C PRO A 74 0.92 -0.02 -23.74
N GLU A 75 0.19 -0.94 -23.11
CA GLU A 75 -1.02 -0.57 -22.35
C GLU A 75 -0.67 -0.03 -20.96
N MET A 76 0.55 -0.27 -20.44
CA MET A 76 1.01 0.31 -19.17
C MET A 76 1.36 1.80 -19.34
N ILE A 77 1.70 2.23 -20.55
CA ILE A 77 2.19 3.63 -20.79
C ILE A 77 1.03 4.42 -21.38
N ASP A 78 0.34 5.19 -20.55
CA ASP A 78 -0.76 6.06 -21.03
C ASP A 78 -0.19 7.34 -21.62
N ASP A 79 0.92 7.83 -21.08
N ASP A 79 0.87 7.87 -21.00
CA ASP A 79 1.58 9.02 -21.65
CA ASP A 79 1.46 9.18 -21.36
C ASP A 79 2.92 9.21 -20.97
C ASP A 79 2.96 9.10 -21.02
N ILE A 80 3.78 9.92 -21.66
CA ILE A 80 5.15 10.21 -21.19
C ILE A 80 5.24 11.71 -21.24
N GLN A 81 5.74 12.28 -20.16
CA GLN A 81 5.87 13.76 -20.04
CA GLN A 81 5.88 13.75 -20.06
C GLN A 81 7.34 14.08 -19.77
N ALA A 82 7.83 15.15 -20.37
CA ALA A 82 9.22 15.59 -20.13
C ALA A 82 9.25 17.09 -20.33
N GLU A 83 10.05 17.74 -19.50
CA GLU A 83 10.38 19.16 -19.64
C GLU A 83 11.81 19.27 -20.06
N ALA A 84 12.04 20.18 -20.99
CA ALA A 84 13.41 20.44 -21.47
C ALA A 84 13.51 21.87 -21.93
N THR A 85 14.74 22.33 -22.09
CA THR A 85 14.98 23.70 -22.53
C THR A 85 14.93 23.71 -24.05
N PHE A 86 13.89 24.34 -24.60
CA PHE A 86 13.76 24.62 -26.03
C PHE A 86 14.49 25.92 -26.31
N PRO A 87 14.61 26.32 -27.58
CA PRO A 87 15.20 27.62 -27.88
C PRO A 87 14.46 28.78 -27.17
N ASP A 88 13.16 28.59 -26.94
CA ASP A 88 12.30 29.56 -26.24
C ASP A 88 12.05 29.17 -24.78
N GLY A 89 12.99 28.47 -24.13
CA GLY A 89 12.91 28.19 -22.68
C GLY A 89 12.29 26.84 -22.39
N THR A 90 12.09 26.56 -21.11
CA THR A 90 11.55 25.25 -20.67
C THR A 90 10.14 25.11 -21.20
N LYS A 91 9.80 23.97 -21.76
CA LYS A 91 8.41 23.63 -22.12
C LYS A 91 8.17 22.18 -21.76
N LEU A 92 6.89 21.85 -21.56
CA LEU A 92 6.41 20.51 -21.25
C LEU A 92 5.95 19.86 -22.55
N VAL A 93 6.44 18.66 -22.79
CA VAL A 93 5.95 17.79 -23.87
C VAL A 93 5.17 16.64 -23.25
N THR A 94 3.94 16.41 -23.69
CA THR A 94 3.22 15.19 -23.31
C THR A 94 2.99 14.37 -24.57
N VAL A 95 3.44 13.13 -24.54
CA VAL A 95 3.17 12.17 -25.64
C VAL A 95 2.11 11.21 -25.15
N HIS A 96 1.00 11.19 -25.86
N HIS A 96 0.89 11.26 -25.71
CA HIS A 96 -0.19 10.40 -25.51
CA HIS A 96 -0.21 10.34 -25.33
C HIS A 96 -0.06 9.01 -26.16
C HIS A 96 -0.05 9.03 -26.10
N ASN A 97 -0.23 7.91 -25.40
CA ASN A 97 -0.23 6.55 -25.96
C ASN A 97 0.94 6.40 -26.94
N PRO A 98 2.18 6.56 -26.45
CA PRO A 98 3.34 6.60 -27.33
C PRO A 98 3.58 5.31 -28.10
N ILE A 99 3.14 4.18 -27.54
CA ILE A 99 3.35 2.83 -28.16
C ILE A 99 1.98 2.22 -28.41
N SER A 100 1.57 2.04 -29.67
CA SER A 100 0.16 1.62 -29.97
C SER A 100 -0.03 0.10 -29.79
N ASN B 1 -5.81 -14.36 -23.72
CA ASN B 1 -4.99 -14.36 -22.52
C ASN B 1 -3.77 -13.41 -22.65
N TYR B 2 -3.79 -12.42 -23.53
CA TYR B 2 -2.86 -11.25 -23.43
C TYR B 2 -3.10 -10.56 -22.07
N ILE B 3 -2.03 -10.23 -21.36
CA ILE B 3 -2.13 -9.62 -20.02
C ILE B 3 -1.93 -8.13 -20.12
N VAL B 4 -2.96 -7.37 -19.73
CA VAL B 4 -2.79 -5.92 -19.48
C VAL B 4 -2.62 -5.76 -17.98
N PRO B 5 -1.43 -5.41 -17.48
CA PRO B 5 -1.24 -5.34 -16.03
C PRO B 5 -2.27 -4.40 -15.37
N GLY B 6 -2.86 -4.86 -14.26
CA GLY B 6 -3.81 -4.05 -13.47
C GLY B 6 -5.15 -3.83 -14.14
N GLU B 7 -5.44 -4.55 -15.25
CA GLU B 7 -6.71 -4.29 -15.96
C GLU B 7 -7.92 -4.65 -15.10
N TYR B 8 -9.02 -3.97 -15.42
CA TYR B 8 -10.35 -4.30 -14.89
C TYR B 8 -11.05 -5.35 -15.75
N ARG B 9 -11.82 -6.23 -15.09
N ARG B 9 -11.91 -6.11 -15.10
CA ARG B 9 -12.90 -7.05 -15.68
CA ARG B 9 -12.91 -6.99 -15.73
C ARG B 9 -14.20 -6.61 -14.98
C ARG B 9 -14.22 -6.65 -15.03
N VAL B 10 -14.89 -5.61 -15.51
CA VAL B 10 -16.10 -5.10 -14.84
C VAL B 10 -17.22 -6.10 -14.98
N ALA B 11 -18.11 -6.05 -14.02
CA ALA B 11 -19.31 -6.92 -14.03
C ALA B 11 -20.26 -6.43 -15.14
N GLU B 12 -21.30 -7.20 -15.39
CA GLU B 12 -22.40 -6.81 -16.30
C GLU B 12 -23.30 -5.82 -15.58
N GLY B 13 -23.95 -4.98 -16.37
CA GLY B 13 -25.06 -4.19 -15.85
C GLY B 13 -24.66 -2.75 -15.92
N GLU B 14 -25.51 -1.90 -15.37
CA GLU B 14 -25.33 -0.45 -15.41
C GLU B 14 -25.59 0.07 -14.00
N ILE B 15 -25.01 1.22 -13.72
CA ILE B 15 -25.19 1.86 -12.39
C ILE B 15 -26.21 2.97 -12.55
N GLU B 16 -27.29 2.90 -11.80
CA GLU B 16 -28.30 3.98 -11.77
C GLU B 16 -27.93 5.00 -10.69
N ILE B 17 -27.69 6.26 -11.08
CA ILE B 17 -27.36 7.32 -10.10
C ILE B 17 -28.63 7.92 -9.52
N ASN B 18 -28.54 8.36 -8.25
CA ASN B 18 -29.60 9.13 -7.60
C ASN B 18 -30.93 8.34 -7.67
N ALA B 19 -30.87 7.05 -7.46
CA ALA B 19 -32.02 6.12 -7.61
C ALA B 19 -33.08 6.48 -6.56
N GLY B 20 -34.34 6.45 -6.96
CA GLY B 20 -35.44 6.72 -6.02
C GLY B 20 -35.70 8.19 -5.77
N ARG B 21 -34.92 9.12 -6.33
CA ARG B 21 -35.17 10.56 -6.14
C ARG B 21 -36.00 11.10 -7.31
N GLU B 22 -36.90 12.00 -6.99
CA GLU B 22 -37.69 12.75 -8.00
C GLU B 22 -36.77 13.43 -9.01
N LYS B 23 -37.08 13.31 -10.30
CA LYS B 23 -36.39 13.99 -11.40
C LYS B 23 -37.27 15.11 -11.99
N THR B 24 -36.66 16.22 -12.37
CA THR B 24 -37.40 17.36 -12.93
C THR B 24 -36.62 17.91 -14.12
N THR B 25 -37.27 18.08 -15.26
CA THR B 25 -36.62 18.68 -16.45
C THR B 25 -37.00 20.16 -16.50
N ILE B 26 -36.05 21.05 -16.67
CA ILE B 26 -36.34 22.49 -16.84
C ILE B 26 -35.47 23.06 -17.94
N ARG B 27 -35.92 24.12 -18.61
N ARG B 27 -35.91 24.20 -18.47
CA ARG B 27 -35.07 24.79 -19.61
CA ARG B 27 -35.25 24.94 -19.55
C ARG B 27 -34.39 25.96 -18.91
C ARG B 27 -34.41 26.04 -18.88
N VAL B 28 -33.14 26.17 -19.30
CA VAL B 28 -32.23 27.15 -18.69
C VAL B 28 -31.52 27.88 -19.82
N SER B 29 -31.41 29.20 -19.69
N SER B 29 -31.45 29.21 -19.77
CA SER B 29 -30.82 30.06 -20.73
CA SER B 29 -30.74 29.97 -20.83
C SER B 29 -29.67 30.88 -20.15
C SER B 29 -29.67 30.84 -20.18
N ASN B 30 -28.48 30.84 -20.79
CA ASN B 30 -27.36 31.72 -20.40
C ASN B 30 -27.60 33.04 -21.12
N THR B 31 -28.13 34.01 -20.41
CA THR B 31 -28.40 35.38 -20.94
C THR B 31 -27.14 36.22 -20.95
N GLY B 32 -26.04 35.69 -20.40
CA GLY B 32 -24.78 36.45 -20.36
C GLY B 32 -23.93 36.22 -21.59
N ASP B 33 -22.77 36.88 -21.68
CA ASP B 33 -21.95 36.83 -22.92
C ASP B 33 -20.66 36.05 -22.68
N ARG B 34 -20.62 35.33 -21.55
CA ARG B 34 -19.47 34.44 -21.19
C ARG B 34 -20.01 33.09 -20.83
N PRO B 35 -19.22 32.01 -21.02
CA PRO B 35 -19.71 30.67 -20.77
C PRO B 35 -19.88 30.41 -19.27
N ILE B 36 -20.85 29.56 -18.96
CA ILE B 36 -21.19 29.16 -17.58
C ILE B 36 -21.23 27.64 -17.54
N GLN B 37 -20.43 27.04 -16.68
CA GLN B 37 -20.43 25.59 -16.48
C GLN B 37 -20.82 25.31 -15.02
N VAL B 38 -21.73 24.36 -14.83
CA VAL B 38 -22.41 24.11 -13.54
C VAL B 38 -22.14 22.68 -13.08
N GLY B 39 -21.57 22.53 -11.90
CA GLY B 39 -21.23 21.22 -11.36
C GLY B 39 -22.42 20.43 -10.89
N SER B 40 -22.22 19.13 -10.71
CA SER B 40 -23.27 18.15 -10.34
C SER B 40 -23.94 18.53 -9.01
N HIS B 41 -23.24 19.17 -8.06
CA HIS B 41 -23.71 19.22 -6.64
C HIS B 41 -23.90 20.64 -6.12
N ILE B 42 -23.93 21.64 -6.99
CA ILE B 42 -24.35 23.00 -6.57
C ILE B 42 -25.88 23.10 -6.51
N HIS B 43 -26.37 23.61 -5.39
CA HIS B 43 -27.81 23.86 -5.18
C HIS B 43 -28.30 24.70 -6.35
N PHE B 44 -29.21 24.19 -7.15
CA PHE B 44 -29.34 24.73 -8.52
C PHE B 44 -29.91 26.17 -8.50
N VAL B 45 -30.70 26.52 -7.50
CA VAL B 45 -31.26 27.89 -7.40
C VAL B 45 -30.16 28.91 -7.18
N GLU B 46 -28.96 28.50 -6.75
CA GLU B 46 -27.89 29.47 -6.39
C GLU B 46 -26.89 29.70 -7.52
N VAL B 47 -27.13 29.15 -8.72
CA VAL B 47 -26.22 29.36 -9.86
C VAL B 47 -26.27 30.81 -10.30
N ASN B 48 -25.25 31.15 -11.10
CA ASN B 48 -25.01 32.46 -11.71
C ASN B 48 -26.33 33.20 -12.02
N LYS B 49 -26.38 34.48 -11.66
N LYS B 49 -26.51 34.39 -11.44
CA LYS B 49 -27.56 35.38 -11.83
CA LYS B 49 -27.73 35.25 -11.61
C LYS B 49 -28.00 35.42 -13.30
C LYS B 49 -28.25 35.18 -13.03
N GLU B 50 -27.09 35.29 -14.26
N GLU B 50 -27.32 35.14 -14.00
CA GLU B 50 -27.46 35.49 -15.69
CA GLU B 50 -27.60 35.48 -15.42
C GLU B 50 -28.09 34.21 -16.26
C GLU B 50 -28.11 34.25 -16.18
N LEU B 51 -28.10 33.08 -15.54
CA LEU B 51 -28.87 31.92 -16.01
C LEU B 51 -30.36 32.20 -15.71
N LEU B 52 -31.15 32.19 -16.76
CA LEU B 52 -32.61 32.39 -16.68
C LEU B 52 -33.33 31.07 -16.73
N PHE B 53 -34.10 30.82 -15.69
CA PHE B 53 -34.93 29.62 -15.52
C PHE B 53 -35.90 29.90 -14.37
N ASP B 54 -36.84 29.00 -14.22
CA ASP B 54 -37.83 29.12 -13.13
C ASP B 54 -37.11 28.81 -11.81
N ARG B 55 -36.63 29.84 -11.12
CA ARG B 55 -35.73 29.69 -9.95
C ARG B 55 -36.37 28.78 -8.91
N ALA B 56 -37.70 28.84 -8.74
CA ALA B 56 -38.39 27.97 -7.78
C ALA B 56 -38.11 26.49 -8.07
N GLU B 57 -37.90 26.11 -9.34
CA GLU B 57 -37.73 24.68 -9.70
C GLU B 57 -36.30 24.24 -9.43
N GLY B 58 -35.42 25.14 -9.05
CA GLY B 58 -34.05 24.77 -8.66
C GLY B 58 -33.90 24.55 -7.17
N ILE B 59 -34.90 24.93 -6.38
CA ILE B 59 -34.80 24.85 -4.88
C ILE B 59 -34.81 23.41 -4.44
N GLY B 60 -33.85 23.06 -3.59
CA GLY B 60 -33.78 21.70 -3.07
C GLY B 60 -33.30 20.71 -4.08
N ARG B 61 -32.67 21.17 -5.17
CA ARG B 61 -32.29 20.32 -6.31
C ARG B 61 -30.85 20.60 -6.77
N ARG B 62 -30.36 19.68 -7.57
CA ARG B 62 -29.06 19.81 -8.25
C ARG B 62 -29.16 19.04 -9.57
N LEU B 63 -28.15 19.16 -10.42
CA LEU B 63 -28.18 18.39 -11.69
C LEU B 63 -28.15 16.88 -11.48
N ASN B 64 -28.98 16.18 -12.24
CA ASN B 64 -29.01 14.71 -12.28
C ASN B 64 -27.96 14.19 -13.25
N ILE B 65 -26.69 14.44 -12.94
CA ILE B 65 -25.56 14.04 -13.81
C ILE B 65 -24.56 13.31 -12.92
N PRO B 66 -23.70 12.48 -13.52
CA PRO B 66 -22.70 11.76 -12.73
C PRO B 66 -21.94 12.72 -11.83
N SER B 67 -21.71 12.26 -10.61
CA SER B 67 -20.96 12.98 -9.59
C SER B 67 -19.64 13.48 -10.19
N GLY B 68 -19.39 14.79 -10.09
CA GLY B 68 -18.12 15.40 -10.50
C GLY B 68 -18.11 15.88 -11.93
N THR B 69 -19.21 15.71 -12.66
CA THR B 69 -19.35 16.26 -14.02
C THR B 69 -20.11 17.59 -13.94
N ALA B 70 -20.26 18.22 -15.08
CA ALA B 70 -20.84 19.57 -15.15
C ALA B 70 -21.65 19.70 -16.44
N ALA B 71 -22.59 20.62 -16.45
CA ALA B 71 -23.34 21.04 -17.65
C ALA B 71 -22.78 22.35 -18.15
N ARG B 72 -22.56 22.50 -19.46
CA ARG B 72 -21.97 23.73 -20.00
C ARG B 72 -23.03 24.54 -20.78
N PHE B 73 -23.09 25.85 -20.54
CA PHE B 73 -23.95 26.81 -21.29
C PHE B 73 -23.04 27.82 -21.95
N GLU B 74 -22.90 27.72 -23.27
CA GLU B 74 -22.21 28.78 -24.03
C GLU B 74 -23.02 30.07 -23.93
N PRO B 75 -22.39 31.23 -24.21
CA PRO B 75 -23.10 32.51 -24.21
C PRO B 75 -24.31 32.46 -25.13
N GLY B 76 -25.47 32.84 -24.60
CA GLY B 76 -26.75 32.87 -25.33
C GLY B 76 -27.41 31.50 -25.45
N GLU B 77 -26.81 30.45 -24.94
CA GLU B 77 -27.32 29.08 -25.16
C GLU B 77 -28.47 28.77 -24.18
N GLU B 78 -29.56 28.23 -24.71
CA GLU B 78 -30.71 27.73 -23.93
C GLU B 78 -30.83 26.24 -24.13
N MET B 79 -30.93 25.46 -23.06
CA MET B 79 -31.15 24.02 -23.22
C MET B 79 -31.92 23.46 -22.04
N GLU B 80 -32.39 22.23 -22.16
CA GLU B 80 -33.00 21.56 -21.01
C GLU B 80 -31.93 20.82 -20.22
N VAL B 81 -32.14 20.75 -18.91
CA VAL B 81 -31.32 19.90 -18.00
C VAL B 81 -32.29 19.12 -17.13
N GLU B 82 -31.83 17.99 -16.62
CA GLU B 82 -32.61 17.21 -15.66
C GLU B 82 -32.00 17.42 -14.27
N LEU B 83 -32.86 17.78 -13.32
CA LEU B 83 -32.47 17.92 -11.90
C LEU B 83 -32.92 16.69 -11.10
N THR B 84 -32.18 16.42 -10.03
CA THR B 84 -32.58 15.48 -8.99
C THR B 84 -32.68 16.24 -7.64
N GLU B 85 -33.24 15.58 -6.65
CA GLU B 85 -33.40 16.13 -5.28
C GLU B 85 -32.07 16.07 -4.51
N LEU B 86 -31.79 17.13 -3.77
CA LEU B 86 -30.76 17.06 -2.70
C LEU B 86 -31.20 16.00 -1.70
N GLY B 87 -30.24 15.41 -1.02
CA GLY B 87 -30.52 14.41 0.02
C GLY B 87 -29.98 14.87 1.36
N GLY B 88 -29.59 13.92 2.20
CA GLY B 88 -29.16 14.20 3.58
C GLY B 88 -30.19 14.99 4.33
N ASN B 89 -29.76 16.02 5.02
CA ASN B 89 -30.64 16.91 5.81
C ASN B 89 -31.41 17.90 4.93
N ARG B 90 -31.11 17.95 3.62
CA ARG B 90 -31.76 18.95 2.73
C ARG B 90 -31.66 20.33 3.36
N GLU B 91 -30.41 20.72 3.61
CA GLU B 91 -30.06 22.07 4.01
C GLU B 91 -28.90 22.52 3.15
N VAL B 92 -28.85 23.81 2.91
CA VAL B 92 -27.77 24.44 2.13
C VAL B 92 -27.29 25.66 2.87
N PHE B 93 -25.96 25.77 2.98
CA PHE B 93 -25.32 26.92 3.62
C PHE B 93 -24.28 27.45 2.65
N GLY B 94 -24.10 28.74 2.68
CA GLY B 94 -23.07 29.38 1.88
C GLY B 94 -23.43 29.38 0.41
N ILE B 95 -22.44 29.10 -0.44
CA ILE B 95 -22.53 29.21 -1.93
C ILE B 95 -22.91 30.65 -2.29
N SER B 96 -24.18 30.94 -2.55
CA SER B 96 -24.58 32.33 -2.92
C SER B 96 -25.30 33.01 -1.75
N ASP B 97 -25.39 32.34 -0.62
CA ASP B 97 -26.06 32.87 0.60
C ASP B 97 -27.56 33.08 0.32
N LEU B 98 -28.18 32.24 -0.49
CA LEU B 98 -29.63 32.37 -0.77
C LEU B 98 -30.43 31.53 0.21
N THR B 99 -29.86 30.49 0.79
CA THR B 99 -30.62 29.50 1.58
C THR B 99 -30.23 29.58 3.06
N ASN B 100 -28.99 29.22 3.39
CA ASN B 100 -28.47 29.25 4.79
C ASN B 100 -29.49 28.62 5.72
N GLY B 101 -29.85 27.39 5.44
CA GLY B 101 -30.81 26.61 6.24
C GLY B 101 -31.53 25.59 5.43
N SER B 102 -32.74 25.26 5.87
CA SER B 102 -33.57 24.30 5.14
C SER B 102 -33.89 24.79 3.74
N VAL B 103 -33.90 23.87 2.77
CA VAL B 103 -34.36 24.20 1.40
C VAL B 103 -35.91 24.29 1.39
N ASP B 104 -36.57 23.95 2.48
CA ASP B 104 -38.06 24.03 2.56
C ASP B 104 -38.52 25.49 2.59
N ASN B 105 -37.66 26.45 2.92
CA ASN B 105 -38.01 27.88 3.07
C ASN B 105 -38.02 28.57 1.69
N LYS B 106 -38.87 28.08 0.78
CA LYS B 106 -38.87 28.53 -0.61
C LYS B 106 -39.18 30.02 -0.71
N GLU B 107 -40.10 30.51 0.12
N GLU B 107 -40.13 30.59 0.07
CA GLU B 107 -40.52 31.91 0.08
CA GLU B 107 -40.45 32.04 -0.04
C GLU B 107 -39.29 32.80 0.34
C GLU B 107 -39.22 32.87 0.32
N LEU B 108 -38.50 32.47 1.37
CA LEU B 108 -37.33 33.27 1.80
C LEU B 108 -36.22 33.18 0.72
N ILE B 109 -35.99 31.99 0.20
CA ILE B 109 -34.94 31.78 -0.85
C ILE B 109 -35.29 32.67 -2.03
N LEU B 110 -36.53 32.59 -2.51
CA LEU B 110 -36.94 33.38 -3.70
C LEU B 110 -36.93 34.87 -3.42
N GLN B 111 -37.28 35.28 -2.19
CA GLN B 111 -37.22 36.73 -1.88
C GLN B 111 -35.77 37.23 -2.01
N ARG B 112 -34.83 36.48 -1.44
CA ARG B 112 -33.39 36.86 -1.51
C ARG B 112 -32.90 36.82 -2.98
N ALA B 113 -33.27 35.79 -3.72
CA ALA B 113 -32.88 35.63 -5.15
C ALA B 113 -33.37 36.85 -5.94
N LYS B 114 -34.63 37.22 -5.72
CA LYS B 114 -35.23 38.34 -6.47
C LYS B 114 -34.53 39.65 -6.14
N GLU B 115 -34.32 39.93 -4.86
N GLU B 115 -34.26 39.93 -4.87
CA GLU B 115 -33.62 41.14 -4.35
CA GLU B 115 -33.65 41.22 -4.44
C GLU B 115 -32.30 41.30 -5.10
C GLU B 115 -32.21 41.34 -4.94
N LEU B 116 -31.52 40.22 -5.17
CA LEU B 116 -30.11 40.22 -5.68
C LEU B 116 -30.02 40.06 -7.21
N GLY B 117 -31.13 39.89 -7.89
CA GLY B 117 -31.20 39.88 -9.36
C GLY B 117 -30.83 38.54 -9.96
N TYR B 118 -31.09 37.43 -9.26
CA TYR B 118 -31.01 36.05 -9.81
C TYR B 118 -32.18 35.93 -10.77
N LYS B 119 -31.91 35.83 -12.06
CA LYS B 119 -32.99 35.84 -13.08
C LYS B 119 -33.95 34.66 -12.95
N GLY B 120 -35.24 34.96 -13.12
CA GLY B 120 -36.28 33.93 -13.27
C GLY B 120 -37.13 33.72 -12.02
N VAL B 121 -37.11 34.65 -11.06
CA VAL B 121 -38.06 34.55 -9.91
C VAL B 121 -39.42 35.08 -10.39
N GLU B 122 -40.45 34.22 -10.33
CA GLU B 122 -41.68 34.27 -11.19
C GLU B 122 -42.94 34.22 -10.34
N MET C 1 -31.05 8.12 -15.06
N MET C 1 -31.01 8.30 -14.77
CA MET C 1 -29.70 8.26 -15.66
CA MET C 1 -29.87 8.15 -15.73
C MET C 1 -28.89 7.03 -15.20
C MET C 1 -28.94 7.04 -15.22
N LYS C 2 -28.36 6.26 -16.13
CA LYS C 2 -27.51 5.09 -15.84
C LYS C 2 -26.17 5.29 -16.53
N ILE C 3 -25.12 4.75 -15.90
CA ILE C 3 -23.71 4.80 -16.35
C ILE C 3 -23.31 3.34 -16.60
N ASN C 4 -22.71 2.99 -17.74
N ASN C 4 -22.64 3.07 -17.74
CA ASN C 4 -22.29 1.58 -17.85
CA ASN C 4 -22.09 1.75 -18.11
C ASN C 4 -21.11 1.39 -16.89
C ASN C 4 -20.93 1.42 -17.14
N ARG C 5 -20.83 0.12 -16.61
N ARG C 5 -20.82 0.16 -16.68
CA ARG C 5 -19.84 -0.31 -15.58
CA ARG C 5 -19.85 -0.18 -15.61
C ARG C 5 -18.41 0.04 -16.00
C ARG C 5 -18.44 0.21 -16.02
N GLN C 6 -18.08 0.04 -17.29
CA GLN C 6 -16.72 0.41 -17.76
C GLN C 6 -16.47 1.88 -17.45
N GLN C 7 -17.41 2.74 -17.82
N GLN C 7 -17.37 2.79 -17.84
CA GLN C 7 -17.34 4.19 -17.61
CA GLN C 7 -17.20 4.24 -17.55
C GLN C 7 -17.35 4.49 -16.10
C GLN C 7 -17.28 4.47 -16.04
N TYR C 8 -18.15 3.76 -15.31
CA TYR C 8 -18.28 3.99 -13.86
C TYR C 8 -16.88 3.71 -13.27
N ALA C 9 -16.31 2.56 -13.60
CA ALA C 9 -15.02 2.13 -13.01
C ALA C 9 -13.91 3.09 -13.41
N GLU C 10 -13.93 3.57 -14.64
CA GLU C 10 -12.92 4.55 -15.08
C GLU C 10 -13.00 5.83 -14.26
N SER C 11 -14.19 6.30 -13.91
CA SER C 11 -14.37 7.58 -13.19
C SER C 11 -14.15 7.47 -11.68
N TYR C 12 -14.65 6.40 -11.04
CA TYR C 12 -14.76 6.28 -9.58
C TYR C 12 -14.00 5.09 -8.99
N GLY C 13 -13.34 4.32 -9.84
CA GLY C 13 -12.79 3.01 -9.50
C GLY C 13 -13.93 2.00 -9.49
N PRO C 14 -13.58 0.73 -9.36
CA PRO C 14 -14.51 -0.37 -9.53
C PRO C 14 -15.55 -0.43 -8.39
N THR C 15 -16.68 -1.09 -8.68
CA THR C 15 -17.77 -1.26 -7.70
C THR C 15 -18.16 -2.74 -7.66
N VAL C 16 -19.21 -3.02 -6.92
CA VAL C 16 -19.55 -4.41 -6.48
C VAL C 16 -19.52 -5.33 -7.68
N GLY C 17 -18.79 -6.42 -7.57
CA GLY C 17 -18.74 -7.45 -8.61
C GLY C 17 -17.65 -7.25 -9.65
N ASP C 18 -17.13 -6.04 -9.79
CA ASP C 18 -16.03 -5.75 -10.71
C ASP C 18 -14.76 -6.45 -10.20
N GLN C 19 -13.91 -6.87 -11.10
CA GLN C 19 -12.61 -7.51 -10.76
C GLN C 19 -11.45 -6.66 -11.28
N VAL C 20 -10.30 -6.83 -10.62
CA VAL C 20 -9.10 -6.05 -10.96
C VAL C 20 -7.92 -7.03 -10.93
N ARG C 21 -7.11 -7.02 -11.98
CA ARG C 21 -5.91 -7.89 -12.00
C ARG C 21 -4.82 -7.27 -11.10
N LEU C 22 -4.17 -8.09 -10.30
CA LEU C 22 -3.01 -7.62 -9.47
C LEU C 22 -1.73 -7.63 -10.34
N ALA C 23 -1.26 -6.44 -10.71
CA ALA C 23 -0.04 -6.29 -11.54
C ALA C 23 -0.18 -7.17 -12.76
N ASP C 24 0.84 -7.92 -13.12
CA ASP C 24 0.87 -8.79 -14.31
C ASP C 24 0.70 -10.25 -13.88
N THR C 25 0.15 -10.47 -12.69
CA THR C 25 -0.15 -11.82 -12.21
C THR C 25 -1.44 -12.30 -12.86
N ASP C 26 -1.77 -13.55 -12.60
CA ASP C 26 -3.10 -14.11 -12.94
C ASP C 26 -4.10 -13.97 -11.78
N LEU C 27 -3.80 -13.17 -10.74
CA LEU C 27 -4.70 -13.03 -9.57
C LEU C 27 -5.69 -11.90 -9.82
N TRP C 28 -6.97 -12.17 -9.56
CA TRP C 28 -8.07 -11.20 -9.70
C TRP C 28 -8.71 -10.99 -8.34
N ILE C 29 -8.87 -9.74 -7.95
CA ILE C 29 -9.67 -9.41 -6.73
C ILE C 29 -10.99 -8.80 -7.16
N GLU C 30 -12.04 -9.15 -6.43
CA GLU C 30 -13.41 -8.70 -6.75
C GLU C 30 -13.91 -7.81 -5.62
N VAL C 31 -14.53 -6.68 -5.95
CA VAL C 31 -15.15 -5.76 -4.99
C VAL C 31 -16.32 -6.50 -4.30
N GLU C 32 -16.23 -6.75 -3.00
CA GLU C 32 -17.28 -7.52 -2.26
C GLU C 32 -18.49 -6.66 -1.94
N LYS C 33 -18.26 -5.40 -1.59
CA LYS C 33 -19.31 -4.43 -1.21
C LYS C 33 -18.76 -3.03 -1.39
N ASP C 34 -19.65 -2.08 -1.38
CA ASP C 34 -19.32 -0.67 -1.65
C ASP C 34 -20.16 0.20 -0.74
N TYR C 35 -19.51 1.11 -0.01
CA TYR C 35 -20.15 1.98 1.01
C TYR C 35 -20.78 3.21 0.35
N THR C 36 -20.61 3.41 -0.96
CA THR C 36 -21.05 4.68 -1.59
C THR C 36 -22.58 4.72 -1.68
N THR C 37 -23.05 5.88 -2.06
CA THR C 37 -24.44 6.11 -2.54
C THR C 37 -24.31 6.56 -4.01
N TYR C 38 -24.70 5.73 -4.96
CA TYR C 38 -24.45 6.04 -6.40
C TYR C 38 -25.06 7.40 -6.77
N GLY C 39 -24.22 8.29 -7.29
CA GLY C 39 -24.55 9.68 -7.62
C GLY C 39 -23.99 10.66 -6.61
N ASP C 40 -23.63 10.19 -5.43
CA ASP C 40 -23.08 11.07 -4.37
C ASP C 40 -21.63 10.68 -4.06
N GLU C 41 -20.94 10.05 -5.03
CA GLU C 41 -19.50 9.74 -4.88
C GLU C 41 -18.74 11.02 -4.58
N ALA C 42 -17.80 10.96 -3.65
CA ALA C 42 -16.93 12.12 -3.39
C ALA C 42 -15.83 12.14 -4.45
N ASN C 43 -15.43 13.34 -4.85
CA ASN C 43 -14.28 13.55 -5.76
C ASN C 43 -13.88 15.00 -5.61
N PHE C 44 -12.65 15.31 -6.02
CA PHE C 44 -12.05 16.63 -5.81
C PHE C 44 -11.48 17.12 -7.12
N GLY C 45 -11.72 18.41 -7.41
CA GLY C 45 -11.16 19.13 -8.56
C GLY C 45 -12.10 20.21 -9.06
N GLY C 46 -11.81 20.76 -10.23
CA GLY C 46 -12.57 21.85 -10.84
C GLY C 46 -13.98 21.35 -11.13
N GLY C 47 -15.00 22.05 -10.63
CA GLY C 47 -16.41 21.67 -10.75
C GLY C 47 -16.77 20.33 -10.17
N LYS C 48 -15.99 19.79 -9.21
N LYS C 48 -15.92 19.74 -9.33
CA LYS C 48 -16.22 18.44 -8.62
CA LYS C 48 -16.24 18.44 -8.73
C LYS C 48 -17.02 18.55 -7.31
C LYS C 48 -16.95 18.71 -7.39
N VAL C 49 -17.24 17.44 -6.63
N VAL C 49 -17.18 17.67 -6.62
CA VAL C 49 -18.24 17.38 -5.54
CA VAL C 49 -18.26 17.67 -5.60
C VAL C 49 -17.73 18.10 -4.28
C VAL C 49 -17.73 18.10 -4.23
N LEU C 50 -16.44 17.94 -3.94
CA LEU C 50 -15.91 18.44 -2.63
C LEU C 50 -15.56 19.92 -2.73
N ARG C 51 -16.62 20.71 -2.71
CA ARG C 51 -16.63 22.16 -2.79
C ARG C 51 -17.62 22.69 -1.74
N GLU C 52 -17.29 23.86 -1.20
CA GLU C 52 -18.00 24.50 -0.09
C GLU C 52 -19.49 24.65 -0.42
N GLY C 53 -20.34 24.14 0.47
CA GLY C 53 -21.82 24.18 0.36
C GLY C 53 -22.36 23.01 -0.41
N MET C 54 -21.47 22.17 -0.93
CA MET C 54 -21.80 21.03 -1.80
C MET C 54 -21.32 19.81 -1.05
N GLY C 55 -20.39 19.02 -1.58
CA GLY C 55 -19.82 17.88 -0.87
C GLY C 55 -18.89 18.27 0.27
N GLU C 56 -18.39 19.51 0.31
CA GLU C 56 -17.69 20.06 1.48
C GLU C 56 -18.65 20.88 2.32
N ASN C 57 -18.72 20.52 3.59
CA ASN C 57 -19.49 21.25 4.62
C ASN C 57 -18.76 22.51 4.99
N GLY C 58 -19.45 23.66 4.98
CA GLY C 58 -18.86 24.98 5.27
C GLY C 58 -19.18 25.50 6.67
N THR C 59 -19.80 24.68 7.50
CA THR C 59 -20.32 25.08 8.82
C THR C 59 -19.42 24.58 9.95
N TYR C 60 -18.98 23.32 9.90
CA TYR C 60 -18.41 22.64 11.08
C TYR C 60 -16.92 22.96 11.25
N THR C 61 -16.56 23.21 12.53
CA THR C 61 -15.15 23.29 12.94
C THR C 61 -14.53 21.92 12.90
N ARG C 62 -13.21 21.87 12.97
CA ARG C 62 -12.51 20.56 12.88
C ARG C 62 -13.01 19.56 13.91
N THR C 63 -13.28 19.99 15.15
CA THR C 63 -13.66 19.05 16.23
CA THR C 63 -13.63 19.04 16.24
C THR C 63 -15.01 18.42 15.95
N GLU C 64 -15.83 19.06 15.15
CA GLU C 64 -17.27 18.70 14.93
CA GLU C 64 -17.22 18.56 15.01
C GLU C 64 -17.38 17.69 13.77
N ASN C 65 -16.86 16.48 13.88
CA ASN C 65 -17.06 15.36 12.93
C ASN C 65 -16.39 15.63 11.58
N VAL C 66 -15.42 16.54 11.55
CA VAL C 66 -14.70 16.90 10.32
C VAL C 66 -13.40 16.11 10.29
N LEU C 67 -13.02 15.68 9.09
CA LEU C 67 -11.78 14.90 8.86
C LEU C 67 -10.58 15.79 8.61
N ASP C 68 -9.39 15.34 9.01
CA ASP C 68 -8.17 15.99 8.49
C ASP C 68 -7.87 15.56 7.05
N LEU C 69 -8.28 14.36 6.67
CA LEU C 69 -7.91 13.74 5.37
C LEU C 69 -8.98 12.75 4.99
N LEU C 70 -9.40 12.84 3.71
CA LEU C 70 -10.31 11.87 3.10
C LEU C 70 -9.59 11.28 1.89
N LEU C 71 -9.44 9.96 1.91
CA LEU C 71 -9.05 9.16 0.71
C LEU C 71 -10.36 8.78 0.03
N THR C 72 -10.62 9.31 -1.15
CA THR C 72 -11.90 9.04 -1.86
C THR C 72 -11.83 7.77 -2.68
N ASN C 73 -12.88 6.96 -2.64
CA ASN C 73 -13.09 5.86 -3.62
C ASN C 73 -11.94 4.84 -3.57
N ALA C 74 -11.51 4.41 -2.40
CA ALA C 74 -10.44 3.41 -2.24
C ALA C 74 -10.97 2.00 -2.48
N LEU C 75 -10.19 1.19 -3.19
CA LEU C 75 -10.40 -0.28 -3.22
C LEU C 75 -9.48 -0.86 -2.16
N ILE C 76 -10.07 -1.21 -1.03
CA ILE C 76 -9.33 -1.73 0.13
C ILE C 76 -9.10 -3.21 -0.06
N LEU C 77 -7.84 -3.63 0.15
CA LEU C 77 -7.46 -5.06 0.18
C LEU C 77 -6.86 -5.31 1.55
N ASP C 78 -7.55 -6.09 2.39
CA ASP C 78 -7.23 -6.22 3.83
C ASP C 78 -7.76 -7.55 4.33
N TYR C 79 -7.23 -8.05 5.45
CA TYR C 79 -7.75 -9.32 6.00
C TYR C 79 -9.25 -9.20 6.25
N THR C 80 -9.72 -7.98 6.52
CA THR C 80 -11.13 -7.74 6.90
C THR C 80 -12.05 -7.70 5.66
N GLY C 81 -11.50 -7.66 4.44
CA GLY C 81 -12.35 -7.69 3.25
C GLY C 81 -11.68 -7.03 2.07
N ILE C 82 -12.27 -7.18 0.92
CA ILE C 82 -11.88 -6.49 -0.34
C ILE C 82 -13.08 -5.68 -0.78
N TYR C 83 -13.06 -4.38 -0.62
CA TYR C 83 -14.30 -3.59 -0.73
C TYR C 83 -13.96 -2.16 -1.04
N LYS C 84 -14.98 -1.43 -1.45
CA LYS C 84 -14.87 -0.05 -1.88
C LYS C 84 -15.40 0.87 -0.77
N ALA C 85 -14.60 1.86 -0.39
CA ALA C 85 -15.01 2.82 0.63
C ALA C 85 -14.15 4.06 0.54
N ASP C 86 -14.66 5.11 1.14
CA ASP C 86 -13.85 6.28 1.51
C ASP C 86 -13.17 6.00 2.83
N ILE C 87 -11.95 6.53 3.01
CA ILE C 87 -11.22 6.33 4.30
C ILE C 87 -11.01 7.71 4.89
N GLY C 88 -11.43 7.90 6.15
CA GLY C 88 -11.31 9.15 6.88
C GLY C 88 -10.24 9.05 7.96
N VAL C 89 -9.37 10.03 7.98
CA VAL C 89 -8.22 10.10 8.91
C VAL C 89 -8.32 11.38 9.72
N LYS C 90 -8.01 11.29 11.00
CA LYS C 90 -7.99 12.44 11.91
C LYS C 90 -7.01 12.16 13.05
N ASP C 91 -6.21 13.16 13.40
CA ASP C 91 -5.18 13.04 14.46
C ASP C 91 -4.24 11.90 14.10
N GLY C 92 -4.00 11.62 12.82
CA GLY C 92 -3.03 10.59 12.41
C GLY C 92 -3.59 9.20 12.42
N TYR C 93 -4.85 9.01 12.79
CA TYR C 93 -5.47 7.67 12.91
C TYR C 93 -6.62 7.56 11.89
N ILE C 94 -6.93 6.35 11.53
CA ILE C 94 -8.13 6.00 10.74
C ILE C 94 -9.33 6.15 11.66
N VAL C 95 -10.21 7.11 11.40
CA VAL C 95 -11.39 7.31 12.28
C VAL C 95 -12.67 6.81 11.62
N GLY C 96 -12.67 6.66 10.31
CA GLY C 96 -13.89 6.23 9.63
C GLY C 96 -13.57 5.53 8.34
N ILE C 97 -14.29 4.46 8.06
CA ILE C 97 -14.26 3.74 6.76
C ILE C 97 -15.72 3.69 6.32
N GLY C 98 -16.06 4.35 5.23
CA GLY C 98 -17.48 4.43 4.87
C GLY C 98 -17.66 5.40 3.73
N LYS C 99 -18.40 6.46 3.98
CA LYS C 99 -18.81 7.40 2.92
C LYS C 99 -18.62 8.81 3.45
N GLY C 100 -17.72 9.58 2.82
CA GLY C 100 -17.41 10.94 3.23
C GLY C 100 -18.17 11.97 2.42
N GLY C 101 -18.25 13.16 2.96
CA GLY C 101 -18.85 14.28 2.24
C GLY C 101 -19.60 15.17 3.18
N ASN C 102 -20.80 15.56 2.79
CA ASN C 102 -21.53 16.62 3.49
C ASN C 102 -22.96 16.17 3.76
N PRO C 103 -23.33 16.02 5.06
N PRO C 103 -23.36 15.78 5.00
CA PRO C 103 -24.65 15.54 5.43
CA PRO C 103 -24.75 15.42 5.27
C PRO C 103 -25.75 16.52 4.97
C PRO C 103 -25.79 16.56 5.11
N ASP C 104 -25.37 17.78 4.76
CA ASP C 104 -26.31 18.85 4.34
C ASP C 104 -27.13 18.33 3.16
N ILE C 105 -26.45 17.72 2.17
CA ILE C 105 -27.03 17.46 0.82
C ILE C 105 -26.86 16.05 0.34
N MET C 106 -26.02 15.23 0.95
CA MET C 106 -25.70 13.87 0.49
C MET C 106 -26.38 12.85 1.37
N ASP C 107 -26.83 11.79 0.72
CA ASP C 107 -27.31 10.61 1.43
C ASP C 107 -26.11 9.74 1.86
N GLY C 108 -26.29 9.04 2.96
CA GLY C 108 -25.43 7.93 3.38
C GLY C 108 -24.08 8.40 3.93
N VAL C 109 -23.92 9.62 4.38
CA VAL C 109 -22.59 10.09 4.85
C VAL C 109 -22.35 9.50 6.24
N THR C 110 -21.24 8.79 6.42
CA THR C 110 -20.81 8.29 7.74
C THR C 110 -20.66 9.50 8.66
N PRO C 111 -21.27 9.50 9.87
CA PRO C 111 -21.44 10.74 10.61
C PRO C 111 -20.15 11.48 11.03
N ASN C 112 -19.05 10.74 11.19
CA ASN C 112 -17.77 11.37 11.55
C ASN C 112 -16.86 11.48 10.33
N MET C 113 -17.40 11.46 9.11
CA MET C 113 -16.57 11.59 7.88
C MET C 113 -17.03 12.81 7.09
N ILE C 114 -17.17 13.93 7.80
CA ILE C 114 -17.52 15.20 7.13
C ILE C 114 -16.26 15.79 6.51
N VAL C 115 -16.36 16.13 5.23
CA VAL C 115 -15.38 16.97 4.55
C VAL C 115 -15.68 18.41 4.90
N GLY C 116 -14.73 19.09 5.54
CA GLY C 116 -14.93 20.47 5.99
C GLY C 116 -13.75 21.32 5.61
N THR C 117 -13.69 22.50 6.16
CA THR C 117 -12.60 23.44 5.87
C THR C 117 -11.27 22.74 6.19
N ALA C 118 -11.27 21.93 7.22
CA ALA C 118 -10.01 21.32 7.74
C ALA C 118 -9.53 20.13 6.92
N THR C 119 -10.23 19.70 5.89
CA THR C 119 -10.00 18.40 5.25
C THR C 119 -9.13 18.50 4.00
N GLU C 120 -8.04 17.72 3.99
CA GLU C 120 -7.22 17.43 2.79
C GLU C 120 -7.86 16.28 2.04
N VAL C 121 -7.60 16.19 0.73
CA VAL C 121 -8.17 15.07 -0.08
C VAL C 121 -7.06 14.38 -0.84
N ILE C 122 -7.07 13.06 -0.79
CA ILE C 122 -6.28 12.17 -1.66
C ILE C 122 -7.29 11.40 -2.50
N ALA C 123 -7.14 11.47 -3.82
CA ALA C 123 -8.00 10.68 -4.72
C ALA C 123 -7.49 9.25 -4.73
N ALA C 124 -8.27 8.30 -4.28
CA ALA C 124 -7.87 6.88 -4.37
C ALA C 124 -8.67 6.13 -5.46
N GLU C 125 -9.57 6.79 -6.20
CA GLU C 125 -10.30 6.14 -7.32
C GLU C 125 -9.29 5.49 -8.28
N GLY C 126 -9.44 4.19 -8.53
CA GLY C 126 -8.59 3.42 -9.45
C GLY C 126 -7.35 2.90 -8.75
N LYS C 127 -7.22 3.19 -7.46
CA LYS C 127 -6.09 2.67 -6.66
C LYS C 127 -6.57 1.52 -5.79
N ILE C 128 -5.64 0.65 -5.49
CA ILE C 128 -5.76 -0.33 -4.40
C ILE C 128 -5.09 0.25 -3.16
N VAL C 129 -5.75 0.18 -2.02
CA VAL C 129 -5.19 0.69 -0.74
C VAL C 129 -5.03 -0.50 0.19
N THR C 130 -3.83 -0.63 0.75
CA THR C 130 -3.55 -1.64 1.77
C THR C 130 -2.98 -0.94 3.00
N ALA C 131 -3.00 -1.69 4.08
CA ALA C 131 -2.19 -1.37 5.26
C ALA C 131 -0.72 -1.36 4.85
N GLY C 132 0.05 -0.57 5.58
CA GLY C 132 1.51 -0.66 5.50
C GLY C 132 2.01 -2.02 5.92
N GLY C 133 3.01 -2.51 5.20
CA GLY C 133 3.66 -3.79 5.54
C GLY C 133 4.37 -3.77 6.87
N ILE C 134 4.30 -4.87 7.60
CA ILE C 134 4.95 -5.00 8.92
C ILE C 134 6.04 -6.05 8.74
N ASP C 135 7.28 -5.60 8.70
CA ASP C 135 8.45 -6.50 8.55
C ASP C 135 9.04 -6.75 9.92
N THR C 136 8.99 -7.99 10.39
CA THR C 136 9.38 -8.39 11.78
C THR C 136 10.74 -9.09 11.73
N HIS C 137 11.41 -9.14 10.57
CA HIS C 137 12.78 -9.72 10.54
C HIS C 137 13.74 -8.76 9.86
N VAL C 138 14.04 -7.66 10.53
CA VAL C 138 14.90 -6.60 9.98
C VAL C 138 16.24 -6.60 10.69
N HIS C 139 17.32 -6.65 9.92
CA HIS C 139 18.67 -6.38 10.43
C HIS C 139 18.97 -4.90 10.13
N PHE C 140 19.22 -4.12 11.18
CA PHE C 140 19.59 -2.70 10.99
C PHE C 140 21.06 -2.66 10.65
N ILE C 141 21.38 -2.66 9.36
CA ILE C 141 22.77 -2.76 8.88
C ILE C 141 23.17 -1.51 8.10
N ASN C 142 22.27 -0.94 7.33
CA ASN C 142 22.61 0.14 6.37
C ASN C 142 21.40 1.06 6.32
N PRO C 143 21.46 2.31 6.81
CA PRO C 143 20.26 3.16 6.82
C PRO C 143 19.58 3.34 5.44
N ASP C 144 20.30 3.14 4.35
CA ASP C 144 19.76 3.22 2.96
C ASP C 144 18.67 2.14 2.79
N GLN C 145 18.58 1.16 3.69
CA GLN C 145 17.56 0.09 3.64
C GLN C 145 16.15 0.63 3.89
N VAL C 146 16.01 1.79 4.51
CA VAL C 146 14.65 2.28 4.87
C VAL C 146 13.90 2.68 3.59
N ASP C 147 14.52 3.44 2.70
CA ASP C 147 13.80 3.84 1.45
C ASP C 147 13.48 2.59 0.61
N VAL C 148 14.35 1.59 0.62
CA VAL C 148 14.13 0.34 -0.13
C VAL C 148 12.83 -0.26 0.40
N ALA C 149 12.66 -0.29 1.71
CA ALA C 149 11.44 -0.86 2.34
C ALA C 149 10.20 -0.02 1.99
N LEU C 150 10.30 1.30 2.12
CA LEU C 150 9.13 2.20 1.85
C LEU C 150 8.68 2.03 0.38
N ALA C 151 9.63 1.88 -0.53
CA ALA C 151 9.31 1.81 -1.97
C ALA C 151 8.46 0.56 -2.31
N ASN C 152 8.53 -0.48 -1.50
CA ASN C 152 7.70 -1.70 -1.68
C ASN C 152 6.63 -1.77 -0.61
N GLY C 153 6.23 -0.65 -0.01
CA GLY C 153 5.01 -0.57 0.82
C GLY C 153 5.17 -1.08 2.26
N ILE C 154 6.38 -1.12 2.76
CA ILE C 154 6.63 -1.47 4.20
C ILE C 154 6.63 -0.21 5.04
N THR C 155 5.97 -0.23 6.18
CA THR C 155 5.84 0.94 7.08
C THR C 155 6.34 0.67 8.51
N THR C 156 6.63 -0.59 8.87
CA THR C 156 7.09 -0.93 10.22
C THR C 156 8.25 -1.89 10.07
N LEU C 157 9.37 -1.57 10.74
CA LEU C 157 10.55 -2.44 10.79
C LEU C 157 10.77 -2.87 12.24
N PHE C 158 10.64 -4.17 12.50
CA PHE C 158 10.95 -4.80 13.79
C PHE C 158 12.17 -5.71 13.58
N GLY C 159 13.16 -5.50 14.45
CA GLY C 159 14.41 -6.26 14.34
C GLY C 159 15.46 -5.66 15.21
N GLY C 160 16.70 -5.82 14.80
CA GLY C 160 17.81 -5.31 15.60
C GLY C 160 19.05 -5.07 14.79
N GLY C 161 20.01 -4.40 15.42
CA GLY C 161 21.32 -4.16 14.84
C GLY C 161 21.82 -2.78 15.14
N THR C 162 23.11 -2.62 15.01
CA THR C 162 23.79 -1.34 15.31
C THR C 162 24.48 -0.80 14.05
N GLY C 163 24.16 -1.31 12.87
CA GLY C 163 24.92 -1.04 11.66
C GLY C 163 25.73 -2.27 11.29
N PRO C 164 26.76 -2.13 10.44
CA PRO C 164 27.43 -3.29 9.83
C PRO C 164 28.52 -3.86 10.74
N ALA C 165 28.11 -4.13 11.96
CA ALA C 165 28.89 -4.92 12.92
C ALA C 165 28.55 -6.38 12.65
N GLU C 166 29.48 -7.29 12.84
CA GLU C 166 29.21 -8.72 12.59
C GLU C 166 28.04 -9.23 13.39
N GLY C 167 27.86 -8.83 14.66
CA GLY C 167 26.69 -9.32 15.42
C GLY C 167 25.40 -8.99 14.71
N SER C 168 25.30 -7.77 14.23
CA SER C 168 24.11 -7.24 13.53
C SER C 168 23.97 -7.81 12.11
N LYS C 169 25.08 -8.07 11.44
CA LYS C 169 25.08 -8.64 10.07
C LYS C 169 24.56 -10.08 10.13
N ALA C 170 24.68 -10.77 11.26
CA ALA C 170 24.16 -12.16 11.40
C ALA C 170 22.80 -12.18 12.09
N THR C 171 22.54 -11.30 13.06
CA THR C 171 21.42 -11.50 14.01
C THR C 171 20.61 -10.22 14.15
N THR C 172 19.30 -10.35 14.32
CA THR C 172 18.42 -9.18 14.56
C THR C 172 18.50 -8.79 16.03
N VAL C 173 19.65 -8.30 16.46
CA VAL C 173 19.93 -8.04 17.87
C VAL C 173 20.58 -6.67 18.04
N THR C 174 20.04 -5.89 18.95
CA THR C 174 20.69 -4.67 19.47
C THR C 174 21.03 -4.99 20.92
N PRO C 175 22.30 -5.34 21.23
CA PRO C 175 22.55 -5.94 22.54
C PRO C 175 22.79 -4.94 23.68
N GLY C 176 22.13 -5.16 24.80
CA GLY C 176 22.37 -4.47 26.05
C GLY C 176 21.81 -3.07 26.08
N PRO C 177 21.70 -2.53 27.31
CA PRO C 177 21.09 -1.21 27.52
C PRO C 177 21.71 -0.13 26.67
N TRP C 178 23.02 -0.07 26.58
CA TRP C 178 23.65 1.08 25.89
C TRP C 178 23.39 1.03 24.39
N ASN C 179 23.59 -0.11 23.74
CA ASN C 179 23.33 -0.20 22.28
C ASN C 179 21.86 0.06 22.02
N ILE C 180 20.99 -0.41 22.89
CA ILE C 180 19.52 -0.14 22.71
C ILE C 180 19.28 1.37 22.78
N GLU C 181 19.80 2.06 23.79
CA GLU C 181 19.59 3.51 23.93
C GLU C 181 20.12 4.20 22.66
N LYS C 182 21.32 3.83 22.22
CA LYS C 182 21.90 4.51 21.04
C LYS C 182 20.99 4.30 19.83
N MET C 183 20.46 3.08 19.63
CA MET C 183 19.62 2.83 18.42
C MET C 183 18.23 3.45 18.60
N LEU C 184 17.71 3.64 19.82
CA LEU C 184 16.44 4.40 19.98
C LEU C 184 16.67 5.84 19.55
N LYS C 185 17.83 6.40 19.86
N LYS C 185 17.84 6.40 19.85
CA LYS C 185 18.13 7.78 19.44
CA LYS C 185 18.17 7.79 19.46
C LYS C 185 18.30 7.85 17.91
C LYS C 185 18.39 7.89 17.93
N SER C 186 19.00 6.88 17.33
CA SER C 186 19.18 6.80 15.85
C SER C 186 17.80 6.75 15.20
N THR C 187 16.89 6.00 15.78
CA THR C 187 15.52 5.82 15.27
C THR C 187 14.78 7.14 15.11
N GLU C 188 15.11 8.17 15.90
CA GLU C 188 14.49 9.51 15.77
C GLU C 188 14.62 10.00 14.33
N GLY C 189 15.61 9.55 13.56
CA GLY C 189 15.86 10.03 12.19
C GLY C 189 15.41 9.07 11.11
N LEU C 190 14.76 7.94 11.44
CA LEU C 190 14.38 6.92 10.43
C LEU C 190 12.90 7.12 10.10
N PRO C 191 12.54 7.42 8.83
CA PRO C 191 11.15 7.69 8.51
C PRO C 191 10.31 6.43 8.28
N ILE C 192 10.23 5.64 9.33
CA ILE C 192 9.44 4.38 9.33
C ILE C 192 9.18 4.03 10.79
N ASN C 193 8.17 3.22 11.07
CA ASN C 193 7.95 2.77 12.45
C ASN C 193 9.04 1.74 12.80
N VAL C 194 9.44 1.68 14.06
CA VAL C 194 10.57 0.79 14.49
C VAL C 194 10.24 0.14 15.82
N GLY C 195 10.60 -1.12 15.97
CA GLY C 195 10.76 -1.78 17.28
C GLY C 195 12.07 -2.54 17.34
N ILE C 196 12.77 -2.48 18.46
CA ILE C 196 14.16 -3.04 18.61
C ILE C 196 14.15 -4.33 19.45
N LEU C 197 14.81 -5.36 18.95
CA LEU C 197 14.98 -6.63 19.68
C LEU C 197 16.29 -6.65 20.41
N GLY C 198 16.27 -7.07 21.67
CA GLY C 198 17.50 -7.34 22.43
C GLY C 198 17.97 -8.76 22.21
N LYS C 199 19.13 -9.02 22.79
CA LYS C 199 19.77 -10.34 22.70
C LYS C 199 19.03 -11.31 23.64
N GLY C 200 18.41 -12.33 23.09
CA GLY C 200 17.71 -13.39 23.87
C GLY C 200 18.67 -14.48 24.32
N HIS C 201 19.72 -14.09 25.01
CA HIS C 201 20.80 -15.01 25.42
C HIS C 201 21.27 -14.66 26.82
N GLY C 202 21.44 -15.70 27.63
CA GLY C 202 21.88 -15.59 29.03
C GLY C 202 21.44 -16.78 29.82
N SER C 203 22.04 -16.99 30.97
CA SER C 203 21.64 -18.06 31.91
C SER C 203 21.11 -17.48 33.22
N SER C 204 21.15 -16.16 33.36
CA SER C 204 20.57 -15.38 34.46
C SER C 204 19.55 -14.42 33.84
N ILE C 205 18.49 -14.13 34.58
CA ILE C 205 17.39 -13.27 34.08
C ILE C 205 17.87 -11.84 33.90
N ALA C 206 18.62 -11.29 34.85
CA ALA C 206 18.84 -9.83 34.89
C ALA C 206 19.53 -9.33 33.62
N PRO C 207 20.58 -9.96 33.08
CA PRO C 207 21.21 -9.42 31.86
C PRO C 207 20.26 -9.34 30.66
N ILE C 208 19.28 -10.22 30.62
CA ILE C 208 18.30 -10.23 29.52
C ILE C 208 17.23 -9.17 29.81
N MET C 209 16.63 -9.20 31.00
CA MET C 209 15.55 -8.26 31.37
C MET C 209 16.03 -6.82 31.28
N GLU C 210 17.28 -6.48 31.61
CA GLU C 210 17.67 -5.06 31.63
C GLU C 210 17.57 -4.46 30.20
N GLN C 211 17.59 -5.30 29.17
CA GLN C 211 17.39 -4.84 27.78
C GLN C 211 15.93 -4.41 27.60
N ILE C 212 15.00 -5.18 28.12
CA ILE C 212 13.57 -4.81 28.03
C ILE C 212 13.37 -3.47 28.75
N ASP C 213 13.89 -3.33 29.96
CA ASP C 213 13.69 -2.10 30.77
C ASP C 213 14.37 -0.91 30.08
N ALA C 214 15.41 -1.16 29.26
CA ALA C 214 16.13 -0.08 28.53
C ALA C 214 15.36 0.42 27.31
N GLY C 215 14.37 -0.33 26.83
CA GLY C 215 13.49 0.10 25.72
C GLY C 215 13.39 -0.90 24.57
N ALA C 216 13.93 -2.11 24.69
CA ALA C 216 13.68 -3.15 23.69
C ALA C 216 12.20 -3.50 23.67
N ALA C 217 11.72 -3.88 22.49
CA ALA C 217 10.32 -4.24 22.20
C ALA C 217 10.14 -5.75 22.12
N GLY C 218 11.21 -6.52 22.31
CA GLY C 218 11.17 -7.98 22.14
C GLY C 218 12.56 -8.52 22.24
N LEU C 219 12.70 -9.82 22.03
CA LEU C 219 14.02 -10.48 22.02
C LEU C 219 14.19 -11.36 20.78
N ILE C 221 16.41 -14.86 19.91
CA ILE C 221 17.29 -15.99 20.15
C ILE C 221 17.90 -16.39 18.80
N HIS C 222 19.24 -16.40 18.72
CA HIS C 222 19.95 -16.75 17.49
C HIS C 222 21.03 -17.75 17.81
N GLU C 223 21.16 -18.77 16.97
CA GLU C 223 22.21 -19.79 17.16
C GLU C 223 23.59 -19.15 17.23
N ASP C 224 23.84 -18.02 16.56
CA ASP C 224 25.20 -17.48 16.57
C ASP C 224 25.58 -16.93 17.96
N TRP C 225 24.60 -16.71 18.84
CA TRP C 225 24.86 -16.33 20.24
C TRP C 225 24.71 -17.52 21.20
N GLY C 226 24.34 -18.68 20.67
CA GLY C 226 24.07 -19.90 21.47
C GLY C 226 22.58 -20.09 21.68
N ALA C 227 21.91 -20.74 20.74
CA ALA C 227 20.48 -21.03 20.85
C ALA C 227 20.29 -22.29 21.72
N THR C 228 20.79 -22.20 22.94
CA THR C 228 20.84 -23.34 23.90
C THR C 228 19.52 -23.43 24.62
N PRO C 229 19.22 -24.61 25.24
CA PRO C 229 18.07 -24.71 26.11
C PRO C 229 17.98 -23.61 27.20
N ALA C 230 19.10 -23.19 27.75
CA ALA C 230 19.12 -22.17 28.81
C ALA C 230 18.70 -20.81 28.20
N SER C 231 19.29 -20.42 27.08
CA SER C 231 18.99 -19.08 26.48
C SER C 231 17.51 -19.04 26.08
N ILE C 232 17.01 -20.14 25.54
CA ILE C 232 15.60 -20.25 25.13
C ILE C 232 14.74 -20.02 26.37
N ASP C 233 15.01 -20.79 27.40
CA ASP C 233 14.20 -20.77 28.66
C ASP C 233 14.20 -19.35 29.26
N ARG C 234 15.38 -18.76 29.45
CA ARG C 234 15.46 -17.48 30.18
C ARG C 234 14.75 -16.42 29.36
N SER C 235 14.95 -16.43 28.04
CA SER C 235 14.28 -15.43 27.16
C SER C 235 12.77 -15.52 27.25
N LEU C 236 12.20 -16.72 27.25
CA LEU C 236 10.74 -16.85 27.33
C LEU C 236 10.22 -16.50 28.74
N THR C 237 10.98 -16.78 29.78
CA THR C 237 10.64 -16.34 31.18
C THR C 237 10.56 -14.81 31.22
N VAL C 238 11.56 -14.14 30.66
CA VAL C 238 11.57 -12.66 30.56
C VAL C 238 10.34 -12.20 29.76
N ALA C 239 10.12 -12.80 28.59
CA ALA C 239 9.03 -12.39 27.68
C ALA C 239 7.68 -12.52 28.35
N ASP C 240 7.46 -13.59 29.06
CA ASP C 240 6.19 -13.81 29.77
C ASP C 240 5.99 -12.74 30.85
N GLU C 241 7.03 -12.28 31.53
CA GLU C 241 6.94 -11.24 32.59
C GLU C 241 6.71 -9.88 31.92
N ALA C 242 7.39 -9.61 30.80
CA ALA C 242 7.47 -8.28 30.17
C ALA C 242 6.38 -8.06 29.13
N ASP C 243 5.63 -9.08 28.72
CA ASP C 243 4.63 -9.01 27.63
C ASP C 243 5.25 -8.51 26.32
N VAL C 244 6.33 -9.14 25.91
CA VAL C 244 6.94 -8.91 24.57
C VAL C 244 7.16 -10.23 23.88
N GLN C 245 7.34 -10.18 22.57
CA GLN C 245 7.56 -11.40 21.79
C GLN C 245 9.04 -11.77 21.74
N VAL C 246 9.25 -13.06 21.60
CA VAL C 246 10.56 -13.68 21.34
C VAL C 246 10.56 -14.29 19.95
N ALA C 247 11.56 -13.94 19.13
CA ALA C 247 11.80 -14.58 17.83
C ALA C 247 12.92 -15.59 18.01
N ILE C 248 12.87 -16.71 17.29
CA ILE C 248 13.95 -17.71 17.35
C ILE C 248 14.45 -18.10 15.97
N HIS C 249 15.77 -18.17 15.91
CA HIS C 249 16.60 -18.85 14.90
C HIS C 249 17.32 -19.94 15.67
N SER C 250 16.87 -21.16 15.49
CA SER C 250 17.26 -22.31 16.33
C SER C 250 18.62 -22.88 15.94
N ASP C 251 19.05 -23.87 16.71
CA ASP C 251 20.38 -24.53 16.65
C ASP C 251 20.45 -25.45 15.40
N THR C 252 20.83 -24.89 14.25
CA THR C 252 20.97 -25.59 12.97
C THR C 252 21.82 -26.86 13.15
N LEU C 253 22.90 -26.69 13.88
CA LEU C 253 23.92 -27.71 14.12
C LEU C 253 23.39 -28.87 14.96
N ASN C 254 22.23 -28.70 15.58
CA ASN C 254 21.70 -29.67 16.57
C ASN C 254 22.73 -29.93 17.68
N GLU C 255 23.52 -28.93 18.02
CA GLU C 255 24.69 -29.11 18.93
C GLU C 255 24.22 -29.49 20.34
N ALA C 256 23.28 -28.75 20.90
CA ALA C 256 22.79 -28.98 22.28
C ALA C 256 21.47 -29.72 22.27
N GLY C 257 20.88 -29.95 21.10
CA GLY C 257 19.58 -30.58 21.02
C GLY C 257 19.11 -30.69 19.59
N PHE C 258 18.14 -31.56 19.36
CA PHE C 258 17.32 -31.59 18.12
C PHE C 258 16.07 -30.73 18.32
N LEU C 259 15.27 -30.64 17.26
CA LEU C 259 14.06 -29.81 17.32
C LEU C 259 13.25 -30.13 18.58
N GLU C 260 13.06 -31.40 18.92
CA GLU C 260 12.21 -31.78 20.09
C GLU C 260 12.81 -31.17 21.37
N ASP C 261 14.15 -30.99 21.47
CA ASP C 261 14.80 -30.38 22.64
C ASP C 261 14.47 -28.87 22.69
N THR C 262 14.51 -28.20 21.55
CA THR C 262 14.09 -26.78 21.48
C THR C 262 12.62 -26.64 21.87
N LEU C 263 11.75 -27.50 21.36
CA LEU C 263 10.31 -27.42 21.72
C LEU C 263 10.14 -27.69 23.24
N ARG C 264 10.91 -28.61 23.81
CA ARG C 264 10.81 -28.89 25.26
C ARG C 264 11.24 -27.66 26.06
N ALA C 265 12.30 -26.97 25.65
CA ALA C 265 12.75 -25.74 26.31
C ALA C 265 11.66 -24.67 26.22
N ILE C 266 11.02 -24.56 25.07
CA ILE C 266 9.91 -23.59 24.88
C ILE C 266 8.76 -23.91 25.84
N ASN C 267 8.47 -25.20 26.01
CA ASN C 267 7.55 -25.70 27.06
C ASN C 267 6.15 -25.10 26.84
N GLY C 268 5.70 -24.99 25.60
CA GLY C 268 4.31 -24.57 25.27
C GLY C 268 4.13 -23.06 25.31
N ARG C 269 5.18 -22.31 25.62
CA ARG C 269 5.12 -20.82 25.62
C ARG C 269 5.07 -20.33 24.17
N VAL C 270 4.51 -19.14 23.97
N VAL C 270 4.53 -19.15 23.95
CA VAL C 270 4.38 -18.55 22.60
CA VAL C 270 4.35 -18.66 22.55
C VAL C 270 5.78 -18.18 22.11
C VAL C 270 5.67 -18.05 22.06
N ILE C 271 6.00 -18.37 20.81
CA ILE C 271 7.28 -17.95 20.20
C ILE C 271 7.05 -17.69 18.73
N HIS C 272 7.80 -16.76 18.19
CA HIS C 272 7.78 -16.47 16.74
C HIS C 272 8.96 -17.21 16.11
N SER C 273 8.68 -18.19 15.29
CA SER C 273 9.73 -18.98 14.60
C SER C 273 10.09 -18.30 13.27
N PHE C 274 11.26 -17.66 13.20
CA PHE C 274 11.76 -16.97 11.99
C PHE C 274 12.13 -18.02 10.92
N HIS C 275 12.12 -17.60 9.65
CA HIS C 275 12.52 -18.40 8.47
C HIS C 275 12.27 -19.89 8.76
N VAL C 276 11.01 -20.22 8.97
CA VAL C 276 10.64 -21.55 9.54
C VAL C 276 11.01 -22.68 8.57
N GLU C 277 11.14 -22.38 7.27
CA GLU C 277 11.56 -23.42 6.30
C GLU C 277 13.00 -23.88 6.61
N GLY C 278 13.86 -22.95 7.07
CA GLY C 278 15.19 -23.32 7.57
C GLY C 278 16.39 -23.01 6.69
N ALA C 279 16.24 -22.66 5.40
CA ALA C 279 17.38 -22.19 4.62
C ALA C 279 17.99 -20.99 5.36
N GLY C 280 17.15 -20.14 5.96
CA GLY C 280 17.67 -18.96 6.67
C GLY C 280 18.20 -19.28 8.06
N GLY C 281 17.97 -20.50 8.52
CA GLY C 281 18.52 -20.96 9.81
C GLY C 281 17.57 -21.90 10.52
N GLY C 282 18.13 -22.91 11.16
CA GLY C 282 17.36 -23.69 12.15
C GLY C 282 17.71 -25.18 12.09
N HIS C 283 17.34 -25.91 13.14
CA HIS C 283 17.57 -27.37 13.24
C HIS C 283 17.52 -28.04 11.85
N ALA C 284 18.64 -28.62 11.41
CA ALA C 284 18.68 -29.35 10.12
C ALA C 284 18.24 -30.79 10.34
N PRO C 285 17.30 -31.36 9.54
CA PRO C 285 16.65 -30.70 8.41
C PRO C 285 15.20 -30.31 8.65
N ASP C 286 14.78 -30.42 9.91
CA ASP C 286 13.33 -30.57 10.24
C ASP C 286 12.72 -29.35 10.93
N ILE C 287 13.40 -28.20 10.96
CA ILE C 287 12.90 -27.02 11.70
C ILE C 287 11.49 -26.70 11.23
N MET C 288 11.17 -26.93 9.96
CA MET C 288 9.88 -26.45 9.40
C MET C 288 8.71 -27.14 10.13
N ALA C 289 8.96 -28.26 10.82
CA ALA C 289 7.91 -28.93 11.63
C ALA C 289 7.37 -28.01 12.74
N MET C 290 8.10 -26.96 13.10
CA MET C 290 7.62 -25.93 14.06
CA MET C 290 7.59 -25.98 14.10
C MET C 290 6.25 -25.37 13.64
N ALA C 291 6.03 -25.24 12.33
CA ALA C 291 4.85 -24.53 11.78
C ALA C 291 3.59 -25.34 12.02
N GLY C 292 3.69 -26.58 12.54
CA GLY C 292 2.47 -27.33 12.85
C GLY C 292 1.94 -27.06 14.26
N HIS C 293 2.74 -26.43 15.13
CA HIS C 293 2.47 -26.36 16.59
C HIS C 293 1.57 -25.19 16.96
N PRO C 294 0.71 -25.34 17.98
CA PRO C 294 -0.25 -24.28 18.31
C PRO C 294 0.36 -23.05 18.98
N ASN C 295 1.53 -23.22 19.60
CA ASN C 295 2.18 -22.12 20.33
C ASN C 295 3.23 -21.43 19.45
N VAL C 296 3.34 -21.83 18.19
CA VAL C 296 4.34 -21.25 17.26
C VAL C 296 3.65 -20.30 16.26
N LEU C 297 4.20 -19.09 16.15
CA LEU C 297 3.79 -18.08 15.16
C LEU C 297 4.87 -18.15 14.08
N PRO C 298 4.61 -18.84 12.96
CA PRO C 298 5.66 -19.15 11.99
C PRO C 298 5.74 -18.15 10.84
N SER C 299 6.94 -17.61 10.60
CA SER C 299 7.18 -16.73 9.43
C SER C 299 8.19 -17.38 8.46
N SER C 300 8.09 -17.01 7.20
CA SER C 300 9.14 -17.22 6.19
C SER C 300 9.94 -15.92 6.07
N THR C 301 11.20 -16.03 5.73
CA THR C 301 11.94 -14.89 5.10
C THR C 301 11.82 -15.01 3.57
N ASN C 302 12.28 -14.00 2.85
CA ASN C 302 11.85 -13.88 1.45
C ASN C 302 12.72 -14.55 0.37
N PRO C 303 14.04 -14.86 0.51
N PRO C 303 13.99 -14.94 0.60
CA PRO C 303 14.71 -15.38 -0.69
CA PRO C 303 14.82 -15.42 -0.52
C PRO C 303 14.22 -16.74 -1.20
C PRO C 303 14.42 -16.79 -1.09
N THR C 304 13.67 -17.59 -0.33
CA THR C 304 13.08 -18.88 -0.78
C THR C 304 11.71 -18.65 -1.41
N ARG C 305 11.19 -17.42 -1.46
CA ARG C 305 9.79 -17.18 -1.82
C ARG C 305 9.73 -16.58 -3.23
N PRO C 306 9.04 -17.23 -4.20
CA PRO C 306 8.62 -18.62 -4.14
C PRO C 306 9.75 -19.47 -4.73
N PHE C 307 9.51 -20.77 -4.85
CA PHE C 307 10.56 -21.73 -5.31
C PHE C 307 10.77 -21.59 -6.83
N THR C 308 11.96 -21.12 -7.26
CA THR C 308 12.23 -20.91 -8.69
C THR C 308 13.46 -21.70 -9.11
N VAL C 309 13.69 -21.77 -10.43
CA VAL C 309 14.82 -22.56 -10.98
C VAL C 309 16.17 -22.03 -10.53
N ASN C 310 16.33 -20.75 -10.18
CA ASN C 310 17.62 -20.22 -9.70
C ASN C 310 17.76 -20.28 -8.17
N THR C 311 16.72 -20.64 -7.42
CA THR C 311 16.70 -20.52 -5.93
C THR C 311 17.87 -21.31 -5.32
N ILE C 312 18.01 -22.58 -5.66
CA ILE C 312 18.98 -23.46 -4.96
C ILE C 312 20.40 -23.00 -5.28
N ASP C 313 20.70 -22.79 -6.56
CA ASP C 313 22.05 -22.30 -6.98
C ASP C 313 22.40 -21.03 -6.22
N GLU C 314 21.48 -20.08 -6.14
CA GLU C 314 21.76 -18.80 -5.52
C GLU C 314 22.02 -19.02 -4.01
N HIS C 315 21.21 -19.87 -3.36
CA HIS C 315 21.26 -20.05 -1.88
C HIS C 315 22.51 -20.83 -1.50
N LEU C 316 22.78 -21.92 -2.23
CA LEU C 316 23.93 -22.83 -1.92
C LEU C 316 25.16 -21.94 -1.91
N ASP C 317 25.29 -21.14 -2.94
CA ASP C 317 26.49 -20.28 -3.04
C ASP C 317 26.43 -19.18 -1.96
N MET C 318 25.29 -18.51 -1.78
CA MET C 318 25.08 -17.43 -0.76
C MET C 318 25.57 -17.97 0.59
N LEU C 319 25.16 -19.20 0.93
CA LEU C 319 25.49 -19.82 2.24
C LEU C 319 26.98 -20.10 2.29
N MET C 320 27.57 -20.60 1.19
CA MET C 320 29.03 -20.90 1.08
C MET C 320 29.82 -19.61 1.31
N VAL C 321 29.44 -18.50 0.66
CA VAL C 321 30.23 -17.23 0.73
C VAL C 321 30.12 -16.64 2.17
N CYS C 322 28.91 -16.55 2.72
CA CYS C 322 28.58 -15.95 4.05
C CYS C 322 29.24 -16.69 5.22
N HIS C 323 29.36 -18.01 5.15
CA HIS C 323 30.00 -18.85 6.21
C HIS C 323 31.45 -19.15 5.84
N HIS C 324 31.99 -18.54 4.78
CA HIS C 324 33.40 -18.79 4.32
C HIS C 324 33.65 -20.31 4.23
N LEU C 325 32.70 -21.04 3.65
CA LEU C 325 32.76 -22.52 3.51
C LEU C 325 33.61 -22.84 2.29
N LYS C 326 34.26 -23.99 2.31
CA LYS C 326 35.17 -24.44 1.24
C LYS C 326 34.52 -25.65 0.57
N GLN C 327 34.42 -25.61 -0.75
CA GLN C 327 33.77 -26.62 -1.61
C GLN C 327 34.55 -27.95 -1.53
N ASN C 328 35.81 -27.91 -1.05
CA ASN C 328 36.72 -29.08 -1.00
C ASN C 328 36.83 -29.63 0.43
N ILE C 329 36.18 -28.98 1.41
CA ILE C 329 36.09 -29.46 2.81
C ILE C 329 34.76 -30.20 2.97
N PRO C 330 34.78 -31.54 3.10
CA PRO C 330 33.55 -32.34 3.09
C PRO C 330 32.53 -31.93 4.19
N GLU C 331 32.96 -31.51 5.39
CA GLU C 331 32.04 -31.10 6.50
C GLU C 331 31.26 -29.85 6.09
N ASP C 332 31.94 -28.93 5.38
CA ASP C 332 31.30 -27.67 4.87
C ASP C 332 30.24 -28.02 3.82
N VAL C 333 30.56 -28.88 2.85
CA VAL C 333 29.58 -29.30 1.83
C VAL C 333 28.41 -30.05 2.49
N ALA C 334 28.69 -30.97 3.42
CA ALA C 334 27.62 -31.72 4.13
C ALA C 334 26.72 -30.71 4.85
N PHE C 335 27.29 -29.72 5.54
CA PHE C 335 26.50 -28.72 6.29
C PHE C 335 25.56 -28.01 5.31
N ALA C 336 26.12 -27.55 4.18
CA ALA C 336 25.34 -26.76 3.21
C ALA C 336 24.20 -27.63 2.66
N ASP C 337 24.51 -28.86 2.31
CA ASP C 337 23.50 -29.81 1.75
C ASP C 337 22.42 -30.13 2.79
N SER C 338 22.73 -30.10 4.08
CA SER C 338 21.74 -30.37 5.14
C SER C 338 20.83 -29.14 5.33
N ARG C 339 21.31 -27.96 4.92
CA ARG C 339 20.62 -26.68 5.23
C ARG C 339 19.81 -26.16 4.05
N ILE C 340 20.30 -26.29 2.82
CA ILE C 340 19.63 -25.75 1.59
C ILE C 340 19.01 -26.94 0.87
N ARG C 341 17.70 -27.12 1.02
CA ARG C 341 16.97 -28.35 0.63
C ARG C 341 15.86 -28.00 -0.33
N PRO C 342 15.89 -28.50 -1.59
CA PRO C 342 14.76 -28.30 -2.51
C PRO C 342 13.46 -28.87 -1.93
N GLU C 343 13.54 -29.93 -1.13
CA GLU C 343 12.31 -30.58 -0.63
C GLU C 343 11.54 -29.61 0.30
N THR C 344 12.21 -28.93 1.21
CA THR C 344 11.54 -28.08 2.22
C THR C 344 11.20 -26.73 1.57
N ILE C 345 12.06 -26.19 0.69
CA ILE C 345 11.71 -24.93 -0.05
C ILE C 345 10.47 -25.14 -0.92
N ALA C 346 10.34 -26.26 -1.64
CA ALA C 346 9.14 -26.54 -2.44
C ALA C 346 7.92 -26.63 -1.52
N ALA C 347 8.05 -27.37 -0.39
CA ALA C 347 6.89 -27.59 0.50
C ALA C 347 6.47 -26.23 1.12
N GLU C 348 7.42 -25.32 1.33
CA GLU C 348 7.16 -24.00 1.94
C GLU C 348 6.13 -23.25 1.08
N ASP C 349 6.20 -23.39 -0.25
CA ASP C 349 5.19 -22.73 -1.13
C ASP C 349 3.78 -23.23 -0.73
N ILE C 350 3.64 -24.54 -0.65
CA ILE C 350 2.33 -25.17 -0.37
C ILE C 350 1.89 -24.82 1.05
N LEU C 351 2.79 -24.84 2.03
CA LEU C 351 2.44 -24.49 3.43
C LEU C 351 1.93 -23.06 3.49
N HIS C 352 2.49 -22.14 2.70
CA HIS C 352 1.90 -20.78 2.62
C HIS C 352 0.48 -20.83 2.08
N ASP C 353 0.28 -21.59 1.03
CA ASP C 353 -1.03 -21.62 0.35
C ASP C 353 -2.10 -22.23 1.26
N LEU C 354 -1.71 -23.18 2.09
CA LEU C 354 -2.61 -23.87 3.03
C LEU C 354 -2.86 -23.09 4.32
N GLY C 355 -2.18 -21.96 4.56
CA GLY C 355 -2.35 -21.22 5.80
C GLY C 355 -1.62 -21.86 6.98
N ILE C 356 -0.59 -22.64 6.71
CA ILE C 356 0.23 -23.26 7.76
C ILE C 356 1.44 -22.36 8.11
N ILE C 357 1.98 -21.62 7.17
CA ILE C 357 2.94 -20.53 7.51
C ILE C 357 2.16 -19.22 7.43
N SER C 358 2.20 -18.45 8.53
CA SER C 358 1.23 -17.37 8.80
C SER C 358 1.77 -16.04 8.30
N MET C 359 3.08 -15.95 8.17
CA MET C 359 3.72 -14.63 8.04
C MET C 359 4.82 -14.67 6.99
N MET C 360 5.06 -13.53 6.39
N MET C 360 5.07 -13.52 6.40
CA MET C 360 6.26 -13.22 5.58
CA MET C 360 6.24 -13.20 5.55
C MET C 360 7.11 -12.20 6.36
C MET C 360 7.05 -12.11 6.24
N SER C 361 8.34 -12.02 5.91
CA SER C 361 9.32 -11.12 6.51
C SER C 361 10.46 -11.01 5.51
N THR C 362 11.40 -10.07 5.70
CA THR C 362 12.52 -9.96 4.76
C THR C 362 13.77 -10.77 5.16
N ASP C 363 14.31 -10.58 6.36
CA ASP C 363 15.71 -10.91 6.75
C ASP C 363 16.62 -9.88 6.07
N ALA C 364 16.16 -8.63 5.97
CA ALA C 364 16.87 -7.56 5.24
C ALA C 364 18.37 -7.54 5.53
N LEU C 365 19.18 -7.71 4.46
CA LEU C 365 20.63 -7.54 4.42
C LEU C 365 21.40 -8.62 5.17
N ALA C 366 20.73 -9.62 5.75
N ALA C 366 20.73 -9.62 5.76
CA ALA C 366 21.41 -10.76 6.42
CA ALA C 366 21.42 -10.76 6.40
C ALA C 366 21.24 -12.02 5.58
C ALA C 366 21.25 -12.00 5.53
N MET C 367 20.03 -12.29 5.12
CA MET C 367 19.76 -13.29 4.06
C MET C 367 18.36 -13.02 3.52
N GLY C 368 18.15 -11.80 3.02
CA GLY C 368 16.81 -11.41 2.57
C GLY C 368 16.82 -9.99 2.09
N ARG C 369 15.76 -9.63 1.40
CA ARG C 369 15.74 -8.40 0.57
C ARG C 369 14.73 -7.44 1.17
N ALA C 370 15.23 -6.29 1.61
CA ALA C 370 14.45 -5.28 2.36
C ALA C 370 13.19 -4.86 1.59
N GLY C 371 13.23 -4.90 0.26
CA GLY C 371 12.17 -4.29 -0.58
C GLY C 371 11.37 -5.32 -1.32
N GLU C 372 11.34 -6.59 -0.87
CA GLU C 372 10.69 -7.67 -1.62
C GLU C 372 9.80 -8.53 -0.76
N MET C 373 9.45 -8.13 0.46
CA MET C 373 8.45 -8.94 1.21
C MET C 373 7.09 -8.93 0.52
N VAL C 374 6.59 -7.78 0.17
CA VAL C 374 5.24 -7.67 -0.47
C VAL C 374 5.37 -8.33 -1.86
N LEU C 375 6.39 -7.96 -2.62
CA LEU C 375 6.62 -8.49 -3.97
C LEU C 375 6.48 -10.02 -3.99
N ARG C 376 7.25 -10.70 -3.13
CA ARG C 376 7.38 -12.16 -3.18
C ARG C 376 6.15 -12.84 -2.58
N THR C 377 5.41 -12.16 -1.72
CA THR C 377 4.12 -12.69 -1.23
C THR C 377 3.22 -12.95 -2.43
N TRP C 378 3.06 -11.96 -3.30
CA TRP C 378 2.15 -12.02 -4.45
C TRP C 378 2.70 -12.99 -5.51
N GLN C 379 4.00 -13.03 -5.73
CA GLN C 379 4.59 -14.00 -6.67
C GLN C 379 4.26 -15.41 -6.17
N THR C 380 4.34 -15.65 -4.84
CA THR C 380 4.00 -16.97 -4.27
C THR C 380 2.53 -17.29 -4.54
N ALA C 381 1.61 -16.37 -4.20
CA ALA C 381 0.15 -16.60 -4.44
C ALA C 381 -0.11 -16.90 -5.91
N ASP C 382 0.52 -16.18 -6.81
CA ASP C 382 0.35 -16.36 -8.27
C ASP C 382 0.88 -17.72 -8.68
N LYS C 383 2.03 -18.16 -8.17
CA LYS C 383 2.57 -19.48 -8.56
C LYS C 383 1.61 -20.57 -8.07
N MET C 384 1.10 -20.42 -6.85
CA MET C 384 0.17 -21.41 -6.27
C MET C 384 -1.12 -21.43 -7.07
N LYS C 385 -1.67 -20.30 -7.46
CA LYS C 385 -2.87 -20.33 -8.34
C LYS C 385 -2.56 -21.10 -9.64
N LYS C 386 -1.44 -20.80 -10.30
CA LYS C 386 -1.04 -21.45 -11.57
C LYS C 386 -0.90 -22.97 -11.38
N GLN C 387 -0.34 -23.42 -10.27
CA GLN C 387 -0.01 -24.86 -10.09
C GLN C 387 -1.15 -25.62 -9.43
N ARG C 388 -1.88 -24.99 -8.50
N ARG C 388 -1.86 -25.00 -8.47
CA ARG C 388 -2.89 -25.72 -7.68
CA ARG C 388 -2.87 -25.67 -7.63
C ARG C 388 -4.31 -25.28 -8.03
C ARG C 388 -4.29 -25.28 -8.01
N GLY C 389 -4.47 -24.25 -8.85
CA GLY C 389 -5.79 -23.74 -9.25
C GLY C 389 -6.38 -22.82 -8.19
N PRO C 390 -7.57 -22.23 -8.46
CA PRO C 390 -8.30 -21.47 -7.44
C PRO C 390 -8.47 -22.32 -6.17
N LEU C 391 -8.40 -21.70 -4.98
CA LEU C 391 -8.64 -22.43 -3.72
C LEU C 391 -10.12 -22.89 -3.74
N ALA C 392 -10.47 -23.95 -3.03
CA ALA C 392 -11.85 -24.52 -3.04
C ALA C 392 -12.84 -23.48 -2.49
N GLU C 393 -12.36 -22.57 -1.64
CA GLU C 393 -13.17 -21.57 -0.90
C GLU C 393 -13.59 -20.45 -1.86
N GLU C 394 -12.99 -20.30 -3.05
CA GLU C 394 -13.28 -19.14 -3.94
C GLU C 394 -14.71 -19.24 -4.53
N LYS C 395 -15.26 -18.12 -5.00
CA LYS C 395 -16.50 -18.02 -5.82
C LYS C 395 -16.32 -16.96 -6.91
N ASN C 396 -17.23 -16.90 -7.87
CA ASN C 396 -17.31 -15.85 -8.94
C ASN C 396 -16.05 -15.89 -9.81
N GLY C 397 -15.19 -16.89 -9.64
CA GLY C 397 -13.91 -16.93 -10.36
C GLY C 397 -12.94 -15.88 -9.82
N SER C 398 -13.18 -15.34 -8.62
CA SER C 398 -12.22 -14.36 -8.01
C SER C 398 -11.20 -15.11 -7.17
N ASP C 399 -10.10 -14.44 -6.87
CA ASP C 399 -9.07 -15.01 -5.98
C ASP C 399 -9.11 -14.30 -4.62
N ASN C 400 -10.26 -13.80 -4.22
CA ASN C 400 -10.41 -13.06 -2.95
C ASN C 400 -9.96 -13.84 -1.73
N PHE C 401 -10.29 -15.13 -1.61
CA PHE C 401 -9.86 -15.92 -0.43
C PHE C 401 -8.34 -15.97 -0.39
N ARG C 402 -7.73 -16.33 -1.49
CA ARG C 402 -6.26 -16.40 -1.52
C ARG C 402 -5.69 -15.00 -1.25
N ALA C 403 -6.29 -13.95 -1.79
CA ALA C 403 -5.74 -12.58 -1.62
C ALA C 403 -5.82 -12.17 -0.13
N LYS C 404 -6.90 -12.55 0.59
CA LYS C 404 -7.00 -12.22 2.03
C LYS C 404 -6.00 -13.07 2.81
N ARG C 405 -5.83 -14.34 2.45
CA ARG C 405 -4.85 -15.22 3.12
C ARG C 405 -3.44 -14.64 2.98
N TYR C 406 -3.12 -14.18 1.79
CA TYR C 406 -1.75 -13.71 1.53
C TYR C 406 -1.52 -12.29 2.04
N VAL C 407 -2.48 -11.36 1.91
CA VAL C 407 -2.25 -10.00 2.43
C VAL C 407 -2.06 -10.06 3.96
N SER C 408 -2.69 -11.01 4.65
CA SER C 408 -2.59 -11.15 6.12
C SER C 408 -1.13 -11.45 6.52
N LYS C 409 -0.38 -12.10 5.64
CA LYS C 409 0.96 -12.61 5.96
C LYS C 409 1.94 -11.45 6.21
N TYR C 410 1.73 -10.28 5.62
CA TYR C 410 2.71 -9.17 5.81
C TYR C 410 2.03 -7.95 6.43
N THR C 411 0.77 -8.03 6.86
CA THR C 411 0.06 -6.89 7.47
C THR C 411 -0.31 -7.26 8.91
N ILE C 412 -1.45 -7.94 9.05
CA ILE C 412 -2.04 -8.12 10.39
C ILE C 412 -1.30 -9.20 11.18
N ASN C 413 -0.81 -10.26 10.54
CA ASN C 413 -0.24 -11.38 11.33
C ASN C 413 1.06 -10.99 12.00
N PRO C 414 2.02 -10.32 11.31
CA PRO C 414 3.20 -9.87 12.03
C PRO C 414 2.83 -8.93 13.18
N ALA C 415 1.88 -8.04 12.97
CA ALA C 415 1.47 -7.07 13.99
C ALA C 415 0.91 -7.80 15.23
N ILE C 416 0.08 -8.80 15.01
CA ILE C 416 -0.44 -9.63 16.14
C ILE C 416 0.73 -10.35 16.82
N ALA C 417 1.61 -10.97 16.04
CA ALA C 417 2.75 -11.70 16.63
C ALA C 417 3.59 -10.81 17.55
N GLN C 418 3.76 -9.55 17.17
N GLN C 418 3.84 -9.54 17.20
CA GLN C 418 4.69 -8.65 17.85
CA GLN C 418 4.76 -8.66 17.95
C GLN C 418 4.02 -7.94 19.03
C GLN C 418 4.00 -7.79 18.99
N GLY C 419 2.69 -7.94 19.13
CA GLY C 419 1.93 -7.21 20.17
C GLY C 419 1.66 -5.77 19.81
N ILE C 420 1.56 -5.47 18.51
CA ILE C 420 1.39 -4.06 18.05
C ILE C 420 0.14 -3.92 17.18
N ALA C 421 -0.73 -4.91 17.08
CA ALA C 421 -1.92 -4.88 16.18
C ALA C 421 -2.99 -3.91 16.72
N HIS C 422 -2.89 -3.42 17.95
CA HIS C 422 -3.75 -2.30 18.41
C HIS C 422 -3.42 -1.01 17.67
N GLU C 423 -2.19 -0.85 17.16
CA GLU C 423 -1.76 0.39 16.47
C GLU C 423 -1.74 0.21 14.95
N VAL C 424 -1.22 -0.92 14.45
CA VAL C 424 -0.85 -1.06 13.01
C VAL C 424 -1.26 -2.42 12.49
N GLY C 425 -1.10 -2.63 11.17
CA GLY C 425 -1.26 -3.95 10.57
C GLY C 425 -2.56 -4.14 9.81
N SER C 426 -3.50 -3.20 9.83
CA SER C 426 -4.74 -3.36 9.06
C SER C 426 -5.43 -2.02 8.88
N ILE C 427 -6.30 -1.96 7.87
CA ILE C 427 -7.16 -0.78 7.63
C ILE C 427 -8.42 -0.99 8.43
N GLU C 428 -8.38 -0.52 9.67
CA GLU C 428 -9.53 -0.58 10.59
C GLU C 428 -9.62 0.73 11.35
N GLU C 429 -10.84 1.11 11.72
CA GLU C 429 -11.10 2.30 12.55
C GLU C 429 -10.35 2.13 13.88
N GLY C 430 -9.66 3.19 14.27
CA GLY C 430 -8.95 3.24 15.55
C GLY C 430 -7.47 2.93 15.41
N LYS C 431 -7.00 2.57 14.21
CA LYS C 431 -5.57 2.23 14.01
CA LYS C 431 -5.58 2.22 14.00
C LYS C 431 -4.86 3.37 13.31
N PHE C 432 -3.54 3.37 13.46
CA PHE C 432 -2.69 4.44 12.92
C PHE C 432 -2.81 4.44 11.39
N ALA C 433 -2.82 5.65 10.82
CA ALA C 433 -3.08 5.80 9.37
C ALA C 433 -1.78 5.59 8.58
N ASP C 434 -1.30 4.37 8.59
CA ASP C 434 -0.21 3.87 7.74
C ASP C 434 -0.90 3.19 6.56
N LEU C 435 -0.89 3.84 5.42
CA LEU C 435 -1.69 3.39 4.25
C LEU C 435 -0.81 3.42 3.00
N VAL C 436 -0.93 2.43 2.16
CA VAL C 436 -0.19 2.40 0.89
C VAL C 436 -1.15 2.40 -0.29
N LEU C 437 -1.02 3.40 -1.16
CA LEU C 437 -1.78 3.44 -2.44
C LEU C 437 -0.95 2.79 -3.53
N TRP C 438 -1.59 1.93 -4.30
CA TRP C 438 -0.98 1.20 -5.44
C TRP C 438 -1.79 1.46 -6.70
N GLU C 439 -1.14 1.80 -7.80
CA GLU C 439 -1.80 1.62 -9.11
C GLU C 439 -1.92 0.12 -9.34
N PRO C 440 -3.07 -0.44 -9.77
CA PRO C 440 -3.13 -1.89 -9.98
C PRO C 440 -2.02 -2.45 -10.88
N LYS C 441 -1.59 -1.68 -11.87
CA LYS C 441 -0.55 -2.18 -12.82
C LYS C 441 0.77 -2.36 -12.07
N PHE C 442 0.94 -1.62 -10.97
CA PHE C 442 2.19 -1.71 -10.14
C PHE C 442 1.96 -2.41 -8.81
N PHE C 443 0.81 -3.07 -8.63
CA PHE C 443 0.43 -3.56 -7.30
C PHE C 443 1.50 -4.54 -6.79
N GLY C 444 1.98 -4.31 -5.57
CA GLY C 444 2.95 -5.21 -4.95
C GLY C 444 4.37 -5.00 -5.48
N VAL C 445 4.56 -4.14 -6.46
CA VAL C 445 5.88 -3.91 -7.12
C VAL C 445 6.44 -2.56 -6.67
N LYS C 446 5.75 -1.47 -6.99
CA LYS C 446 6.22 -0.13 -6.62
C LYS C 446 5.02 0.66 -6.08
N ALA C 447 5.10 1.05 -4.81
CA ALA C 447 4.04 1.84 -4.15
C ALA C 447 3.93 3.19 -4.86
N ASP C 448 2.72 3.72 -5.03
CA ASP C 448 2.48 5.09 -5.55
C ASP C 448 2.75 6.10 -4.45
N ARG C 449 2.07 5.97 -3.32
CA ARG C 449 2.17 6.90 -2.16
C ARG C 449 2.08 6.07 -0.91
N VAL C 450 3.00 6.34 0.00
CA VAL C 450 3.02 5.73 1.34
C VAL C 450 2.69 6.83 2.35
N ILE C 451 1.57 6.63 3.02
CA ILE C 451 1.05 7.53 4.09
C ILE C 451 1.49 6.97 5.41
N LYS C 452 2.10 7.83 6.22
CA LYS C 452 2.57 7.47 7.59
C LYS C 452 1.90 8.44 8.57
N GLY C 453 1.09 7.92 9.50
CA GLY C 453 0.46 8.81 10.50
C GLY C 453 -0.34 9.90 9.81
N GLY C 454 -0.96 9.58 8.67
CA GLY C 454 -1.84 10.54 7.99
C GLY C 454 -1.16 11.59 7.14
N ILE C 455 0.15 11.52 6.92
CA ILE C 455 0.88 12.44 6.00
C ILE C 455 1.71 11.60 5.04
N ILE C 456 1.73 11.97 3.76
CA ILE C 456 2.56 11.19 2.80
C ILE C 456 4.03 11.27 3.20
N ALA C 457 4.67 10.11 3.31
CA ALA C 457 6.09 10.00 3.67
C ALA C 457 6.95 9.71 2.44
N TYR C 458 6.43 8.99 1.48
CA TYR C 458 7.22 8.45 0.34
C TYR C 458 6.27 8.43 -0.85
N ALA C 459 6.78 8.81 -2.02
CA ALA C 459 5.94 8.82 -3.22
C ALA C 459 6.79 8.59 -4.48
N GLN C 460 6.22 7.93 -5.47
CA GLN C 460 6.76 7.87 -6.86
C GLN C 460 6.30 9.14 -7.56
N ILE C 461 7.20 10.08 -7.73
CA ILE C 461 6.83 11.38 -8.32
C ILE C 461 8.00 11.90 -9.13
N GLY C 462 7.69 12.80 -10.03
CA GLY C 462 8.63 13.24 -11.06
C GLY C 462 9.37 14.54 -10.74
N ASP C 463 9.78 15.17 -11.82
CA ASP C 463 10.77 16.27 -11.87
C ASP C 463 10.32 17.35 -10.89
N PRO C 464 11.09 17.70 -9.85
CA PRO C 464 10.70 18.74 -8.91
C PRO C 464 10.76 20.17 -9.48
N SER C 465 11.35 20.32 -10.67
N SER C 465 11.39 20.33 -10.65
CA SER C 465 11.51 21.61 -11.38
CA SER C 465 11.53 21.61 -11.38
C SER C 465 10.41 21.80 -12.41
C SER C 465 10.36 21.83 -12.33
N ALA C 466 9.53 20.81 -12.58
CA ALA C 466 8.50 20.84 -13.65
C ALA C 466 7.26 21.63 -13.24
N SER C 467 6.41 21.92 -14.24
CA SER C 467 5.17 22.67 -14.10
C SER C 467 4.17 21.84 -13.31
N ILE C 468 4.29 20.50 -13.40
CA ILE C 468 3.38 19.51 -12.80
C ILE C 468 4.29 18.38 -12.34
N PRO C 469 3.83 17.50 -11.44
CA PRO C 469 4.71 16.55 -10.77
C PRO C 469 4.96 15.21 -11.48
N THR C 470 4.29 15.02 -12.60
CA THR C 470 4.32 13.77 -13.39
C THR C 470 5.44 13.69 -14.43
N PRO C 471 6.09 14.76 -14.92
CA PRO C 471 7.16 14.58 -15.90
C PRO C 471 8.38 13.84 -15.33
N GLN C 472 9.14 13.21 -16.22
CA GLN C 472 10.29 12.34 -15.85
C GLN C 472 11.40 13.19 -15.26
N PRO C 473 12.23 12.60 -14.39
CA PRO C 473 12.17 11.20 -13.97
C PRO C 473 11.25 10.94 -12.76
N VAL C 474 10.31 10.01 -12.92
CA VAL C 474 9.46 9.52 -11.82
C VAL C 474 10.23 8.47 -11.04
N MET C 475 10.50 8.78 -9.78
CA MET C 475 11.31 7.90 -8.90
CA MET C 475 11.32 7.92 -8.91
C MET C 475 10.77 8.00 -7.47
N GLY C 476 11.10 7.03 -6.66
CA GLY C 476 10.76 7.06 -5.23
C GLY C 476 11.49 8.18 -4.53
N ARG C 477 10.75 9.00 -3.81
CA ARG C 477 11.32 10.16 -3.10
C ARG C 477 10.65 10.31 -1.73
N ARG C 478 11.43 10.71 -0.74
CA ARG C 478 10.89 11.11 0.58
C ARG C 478 10.09 12.39 0.46
N MET C 479 8.93 12.41 1.13
CA MET C 479 8.00 13.55 1.08
C MET C 479 8.00 14.30 2.43
N TYR C 480 7.11 15.26 2.59
CA TYR C 480 7.16 16.19 3.72
C TYR C 480 7.00 15.49 5.06
N GLY C 481 6.33 14.32 5.15
CA GLY C 481 6.20 13.60 6.41
C GLY C 481 7.55 13.16 6.98
N THR C 482 8.65 13.21 6.17
CA THR C 482 9.99 12.76 6.62
C THR C 482 10.83 13.94 7.05
N VAL C 483 10.34 15.17 6.85
CA VAL C 483 11.17 16.39 6.94
C VAL C 483 10.98 17.08 8.29
N GLY C 484 12.07 17.63 8.84
CA GLY C 484 12.00 18.43 10.08
C GLY C 484 11.44 17.63 11.22
N ASP C 485 10.58 18.25 12.03
CA ASP C 485 10.01 17.57 13.22
C ASP C 485 8.80 16.75 12.82
N LEU C 486 8.34 16.77 11.56
CA LEU C 486 7.16 15.96 11.21
C LEU C 486 7.48 14.47 11.22
N ILE C 487 8.75 14.12 11.08
CA ILE C 487 9.21 12.73 11.19
C ILE C 487 8.85 12.16 12.57
N HIS C 488 8.76 13.00 13.60
CA HIS C 488 8.41 12.55 14.97
C HIS C 488 6.96 12.13 15.04
N ASP C 489 6.07 12.91 14.40
CA ASP C 489 4.61 12.73 14.59
C ASP C 489 4.06 11.68 13.64
N THR C 490 4.79 11.33 12.58
CA THR C 490 4.26 10.43 11.54
C THR C 490 4.78 9.00 11.78
N ASN C 491 5.63 8.78 12.78
CA ASN C 491 6.23 7.46 13.01
C ASN C 491 6.20 7.06 14.48
N ILE C 492 6.16 5.75 14.73
CA ILE C 492 6.01 5.14 16.08
C ILE C 492 7.29 4.39 16.42
N THR C 493 7.83 4.66 17.61
CA THR C 493 8.82 3.76 18.24
C THR C 493 8.05 2.85 19.18
N PHE C 494 8.03 1.56 18.89
CA PHE C 494 7.39 0.56 19.77
C PHE C 494 8.37 0.15 20.88
N MET C 495 7.90 0.14 22.12
CA MET C 495 8.74 -0.08 23.33
C MET C 495 7.98 -0.98 24.31
N SER C 496 8.72 -1.68 25.16
CA SER C 496 8.13 -2.47 26.26
C SER C 496 7.37 -1.56 27.23
N LYS C 497 6.34 -2.12 27.83
CA LYS C 497 5.60 -1.47 28.95
C LYS C 497 6.54 -1.00 30.05
N SER C 498 7.53 -1.78 30.44
CA SER C 498 8.40 -1.41 31.57
C SER C 498 9.27 -0.21 31.21
N SER C 499 9.83 -0.16 29.99
CA SER C 499 10.65 1.01 29.57
C SER C 499 9.79 2.28 29.54
N ILE C 500 8.54 2.14 29.11
CA ILE C 500 7.63 3.29 29.08
C ILE C 500 7.29 3.73 30.52
N GLN C 501 7.00 2.78 31.38
CA GLN C 501 6.66 3.12 32.79
C GLN C 501 7.88 3.73 33.46
N GLN C 502 9.09 3.31 33.09
CA GLN C 502 10.33 3.84 33.70
C GLN C 502 10.78 5.14 33.05
N GLY C 503 10.05 5.69 32.09
CA GLY C 503 10.35 7.02 31.57
C GLY C 503 11.51 7.04 30.59
N VAL C 504 11.84 5.93 29.95
CA VAL C 504 12.94 5.91 28.94
C VAL C 504 12.75 6.97 27.85
N PRO C 505 11.55 7.20 27.25
CA PRO C 505 11.45 8.21 26.22
C PRO C 505 11.93 9.58 26.71
N ALA C 506 11.49 10.01 27.90
CA ALA C 506 11.92 11.31 28.43
C ALA C 506 13.43 11.31 28.73
N LYS C 507 13.91 10.23 29.27
N LYS C 507 13.98 10.23 29.30
CA LYS C 507 15.35 10.14 29.62
CA LYS C 507 15.43 10.16 29.65
C LYS C 507 16.21 10.37 28.36
C LYS C 507 16.31 10.24 28.40
N LEU C 508 15.84 9.73 27.27
CA LEU C 508 16.61 9.79 26.00
C LEU C 508 16.20 10.95 25.11
N GLY C 509 15.16 11.70 25.45
CA GLY C 509 14.70 12.83 24.64
C GLY C 509 14.03 12.34 23.35
N LEU C 510 13.34 11.19 23.38
CA LEU C 510 12.63 10.68 22.17
C LEU C 510 11.41 11.52 21.92
N LYS C 511 11.26 11.99 20.68
CA LYS C 511 10.10 12.84 20.28
C LYS C 511 9.09 12.06 19.46
N ARG C 512 9.46 10.91 18.97
CA ARG C 512 8.53 10.06 18.20
C ARG C 512 7.35 9.65 19.03
N ARG C 513 6.26 9.36 18.36
N ARG C 513 6.29 9.28 18.33
CA ARG C 513 5.13 8.75 19.07
CA ARG C 513 5.11 8.65 18.94
C ARG C 513 5.68 7.47 19.68
C ARG C 513 5.60 7.38 19.62
N ILE C 514 5.18 7.15 20.87
CA ILE C 514 5.61 5.93 21.59
C ILE C 514 4.46 4.94 21.55
N GLY C 515 4.76 3.77 21.03
CA GLY C 515 3.82 2.66 20.96
C GLY C 515 4.12 1.66 22.04
N THR C 516 3.08 1.14 22.70
CA THR C 516 3.23 0.11 23.74
C THR C 516 3.08 -1.26 23.13
N VAL C 517 4.05 -2.14 23.33
CA VAL C 517 3.93 -3.57 22.99
C VAL C 517 3.07 -4.24 24.05
N LYS C 518 2.05 -4.97 23.64
CA LYS C 518 1.21 -5.70 24.61
C LYS C 518 0.46 -6.86 23.98
N ASN C 519 -0.03 -7.74 24.84
CA ASN C 519 -0.94 -8.86 24.51
C ASN C 519 -0.21 -9.79 23.53
N CYS C 520 1.05 -10.14 23.74
N CYS C 520 1.08 -10.06 23.84
CA CYS C 520 1.60 -11.12 22.76
CA CYS C 520 2.00 -10.90 23.05
C CYS C 520 2.05 -12.39 23.48
C CYS C 520 1.93 -12.37 23.46
N ARG C 521 1.61 -12.63 24.74
CA ARG C 521 1.89 -13.93 25.41
C ARG C 521 0.69 -14.87 25.48
N ASN C 522 -0.54 -14.40 25.28
N ASN C 522 -0.51 -14.37 25.14
CA ASN C 522 -1.74 -15.29 25.32
CA ASN C 522 -1.82 -15.07 25.31
C ASN C 522 -2.35 -15.25 23.92
C ASN C 522 -2.16 -15.83 24.01
N ILE C 523 -1.49 -15.46 22.93
CA ILE C 523 -1.92 -15.74 21.55
C ILE C 523 -1.27 -17.05 21.12
N GLY C 524 -1.72 -17.55 20.00
CA GLY C 524 -1.12 -18.72 19.35
C GLY C 524 -1.40 -18.73 17.86
N LYS C 525 -1.16 -19.86 17.24
CA LYS C 525 -1.43 -20.08 15.80
C LYS C 525 -2.89 -19.75 15.48
N LYS C 526 -3.83 -20.08 16.38
CA LYS C 526 -5.26 -19.86 16.12
C LYS C 526 -5.54 -18.38 15.92
N ASP C 527 -4.64 -17.49 16.37
CA ASP C 527 -4.89 -16.03 16.30
C ASP C 527 -4.37 -15.47 14.97
N MET C 528 -3.75 -16.28 14.15
CA MET C 528 -3.19 -15.80 12.85
C MET C 528 -4.32 -15.76 11.82
N LYS C 529 -4.68 -14.57 11.37
CA LYS C 529 -5.81 -14.33 10.45
C LYS C 529 -5.63 -15.06 9.13
N TRP C 530 -6.59 -15.92 8.77
CA TRP C 530 -6.62 -16.71 7.51
C TRP C 530 -5.45 -17.73 7.43
N ASN C 531 -4.68 -17.92 8.49
CA ASN C 531 -3.44 -18.72 8.45
C ASN C 531 -3.28 -19.40 9.78
N ASP C 532 -4.30 -20.16 10.18
CA ASP C 532 -4.44 -20.61 11.58
C ASP C 532 -4.35 -22.14 11.67
N VAL C 533 -3.77 -22.78 10.67
CA VAL C 533 -3.82 -24.28 10.61
C VAL C 533 -2.73 -24.85 11.52
N THR C 534 -3.13 -25.80 12.38
CA THR C 534 -2.20 -26.62 13.17
C THR C 534 -2.31 -28.04 12.62
N THR C 535 -1.20 -28.75 12.52
CA THR C 535 -1.17 -30.07 11.87
C THR C 535 0.16 -30.72 12.24
N ASP C 536 0.28 -31.99 11.95
CA ASP C 536 1.57 -32.72 12.14
CA ASP C 536 1.56 -32.75 12.12
C ASP C 536 2.38 -32.61 10.84
N ILE C 537 3.50 -31.89 10.87
CA ILE C 537 4.43 -31.82 9.72
C ILE C 537 5.56 -32.78 10.00
N ASP C 538 5.72 -33.77 9.12
CA ASP C 538 6.81 -34.74 9.22
C ASP C 538 7.86 -34.43 8.14
N ILE C 539 9.11 -34.32 8.54
CA ILE C 539 10.24 -34.15 7.60
C ILE C 539 11.12 -35.39 7.74
N ASN C 540 11.18 -36.18 6.69
CA ASN C 540 11.94 -37.45 6.69
C ASN C 540 13.41 -37.11 6.91
N PRO C 541 14.08 -37.68 7.93
CA PRO C 541 15.47 -37.30 8.19
C PRO C 541 16.47 -37.80 7.13
N GLU C 542 16.11 -38.84 6.39
CA GLU C 542 16.98 -39.41 5.33
C GLU C 542 16.75 -38.68 4.00
N THR C 543 15.50 -38.50 3.57
CA THR C 543 15.12 -38.02 2.21
C THR C 543 14.66 -36.55 2.21
N TYR C 544 14.36 -35.99 3.38
CA TYR C 544 13.83 -34.61 3.56
C TYR C 544 12.45 -34.47 2.93
N GLU C 545 11.80 -35.58 2.60
CA GLU C 545 10.40 -35.60 2.17
C GLU C 545 9.52 -34.95 3.25
N VAL C 546 8.62 -34.07 2.83
CA VAL C 546 7.68 -33.39 3.75
C VAL C 546 6.31 -34.04 3.61
N LYS C 547 5.71 -34.40 4.75
CA LYS C 547 4.31 -34.91 4.81
C LYS C 547 3.48 -34.04 5.74
N VAL C 548 2.25 -33.74 5.36
CA VAL C 548 1.28 -33.07 6.26
C VAL C 548 0.09 -34.00 6.48
N ASP C 549 -0.24 -34.35 7.74
CA ASP C 549 -1.10 -35.53 8.07
C ASP C 549 -0.78 -36.66 7.08
N GLY C 550 0.44 -37.20 7.09
CA GLY C 550 0.83 -38.37 6.27
C GLY C 550 0.70 -38.20 4.74
N GLU C 551 0.37 -37.01 4.21
CA GLU C 551 0.31 -36.74 2.74
C GLU C 551 1.61 -36.05 2.23
N VAL C 552 2.26 -36.56 1.19
CA VAL C 552 3.53 -35.99 0.64
C VAL C 552 3.27 -34.65 -0.02
N LEU C 553 4.12 -33.63 0.27
CA LEU C 553 4.12 -32.29 -0.37
C LEU C 553 5.32 -32.16 -1.30
N THR C 554 5.07 -32.28 -2.60
CA THR C 554 6.08 -31.97 -3.63
C THR C 554 5.54 -30.82 -4.44
N CYS C 555 6.45 -30.01 -4.92
CA CYS C 555 6.13 -28.86 -5.78
C CYS C 555 7.25 -28.77 -6.79
N GLU C 556 6.99 -28.07 -7.87
CA GLU C 556 8.01 -27.86 -8.90
C GLU C 556 8.40 -26.40 -8.83
N PRO C 557 9.66 -26.07 -9.13
CA PRO C 557 10.03 -24.67 -9.29
C PRO C 557 9.55 -24.11 -10.63
N VAL C 558 9.44 -22.78 -10.76
CA VAL C 558 9.04 -22.12 -12.02
C VAL C 558 10.25 -21.41 -12.61
N LYS C 559 10.26 -21.24 -13.92
CA LYS C 559 11.39 -20.59 -14.64
C LYS C 559 11.16 -19.08 -14.72
N GLU C 560 9.92 -18.62 -14.60
CA GLU C 560 9.59 -17.18 -14.77
C GLU C 560 8.59 -16.78 -13.68
N LEU C 561 8.64 -15.54 -13.26
CA LEU C 561 7.68 -14.94 -12.31
C LEU C 561 7.12 -13.69 -12.93
N PRO C 562 5.89 -13.34 -12.55
CA PRO C 562 5.34 -12.02 -12.82
C PRO C 562 6.06 -11.05 -11.85
N MET C 563 5.78 -9.77 -12.00
CA MET C 563 6.30 -8.76 -11.02
C MET C 563 7.83 -8.83 -11.02
N ALA C 564 8.41 -8.99 -12.20
CA ALA C 564 9.86 -9.19 -12.41
C ALA C 564 10.33 -8.38 -13.62
N GLN C 565 10.75 -8.99 -14.72
CA GLN C 565 11.49 -8.22 -15.76
C GLN C 565 10.58 -7.21 -16.48
N ARG C 566 9.26 -7.29 -16.40
CA ARG C 566 8.44 -6.21 -17.01
C ARG C 566 8.69 -4.86 -16.33
N TYR C 567 9.10 -4.84 -15.06
CA TYR C 567 9.03 -3.67 -14.16
C TYR C 567 10.41 -3.06 -13.85
N PHE C 568 11.44 -3.88 -13.69
CA PHE C 568 12.71 -3.49 -13.05
C PHE C 568 13.78 -3.17 -14.07
N LEU C 569 14.47 -2.07 -13.81
CA LEU C 569 15.54 -1.62 -14.72
C LEU C 569 16.77 -2.48 -14.57
N PHE C 570 16.95 -3.10 -13.40
CA PHE C 570 18.04 -4.06 -13.17
C PHE C 570 17.50 -5.25 -12.44
#